data_6QSW
#
_entry.id   6QSW
#
_cell.length_a   91.281
_cell.length_b   91.281
_cell.length_c   260.221
_cell.angle_alpha   90.000
_cell.angle_beta   90.000
_cell.angle_gamma   90.000
#
_symmetry.space_group_name_H-M   'P 43 21 2'
#
loop_
_entity.id
_entity.type
_entity.pdbx_description
1 polymer 'Complement factor B'
2 non-polymer 'SULFATE ION'
3 non-polymer ~{N}-(2-bromanyl-4-methyl-naphthalen-1-yl)-4,5-dihydro-1~{H}-imidazol-2-amine
4 water water
#
_entity_poly.entity_id   1
_entity_poly.type   'polypeptide(L)'
_entity_poly.pdbx_seq_one_letter_code
;SLSLCGMVWEHRKGTDYHKQPWQAKISVIRPSKGHESCMGAVVSEYFVLTAAHCFTVDDKEHSIKVSVGGEKRDLEIEVV
LFHPNYNINGKKEAGIPEFYDYDVALIKLKNKLKYGQTIRPICLPCTEGTTRALRLPPTTTCQQQKEELLPAQDIKALFV
SEEEKKLTRKEVYIKNGDKKGSCERDAQYAPGYDKVKDISEVVTPRFLCTGGVSPYADPNTCRGDSGGPLIVHKRSRFIQ
VGVISWGVVDVCKNQKRQKQVPAHARDFHINLFQVLPWLKEKLQDEDLGFL
;
_entity_poly.pdbx_strand_id   AAA,BBB,CCC
#
loop_
_chem_comp.id
_chem_comp.type
_chem_comp.name
_chem_comp.formula
JGT non-polymer ~{N}-(2-bromanyl-4-methyl-naphthalen-1-yl)-4,5-dihydro-1~{H}-imidazol-2-amine 'C14 H14 Br N3'
SO4 non-polymer 'SULFATE ION' 'O4 S -2'
#
# COMPACT_ATOMS: atom_id res chain seq x y z
N LEU A 2 4.43 20.76 -6.37
CA LEU A 2 5.50 20.17 -5.53
C LEU A 2 6.33 21.28 -4.90
N SER A 3 6.40 21.33 -3.56
CA SER A 3 7.18 22.35 -2.81
C SER A 3 8.67 22.15 -3.11
N LEU A 4 9.41 23.27 -3.16
CA LEU A 4 10.88 23.26 -3.02
C LEU A 4 11.20 22.93 -1.56
N CYS A 5 11.63 21.71 -1.31
CA CYS A 5 11.97 21.21 0.04
C CYS A 5 13.44 21.49 0.33
N GLY A 6 13.76 21.63 1.61
CA GLY A 6 15.15 21.74 2.11
C GLY A 6 15.84 22.96 1.55
N MET A 7 15.10 24.05 1.37
CA MET A 7 15.65 25.31 0.84
C MET A 7 15.46 26.40 1.89
N VAL A 8 16.50 27.21 2.13
CA VAL A 8 16.44 28.31 3.16
C VAL A 8 16.10 29.65 2.50
N ASP A 16 17.38 32.46 13.55
CA ASP A 16 17.72 31.06 13.92
C ASP A 16 16.83 30.09 13.15
N TYR A 17 15.50 30.29 13.20
CA TYR A 17 14.52 29.48 12.43
C TYR A 17 14.56 29.91 10.95
N HIS A 18 15.15 31.06 10.67
CA HIS A 18 15.52 31.49 9.29
C HIS A 18 16.47 30.43 8.72
N LYS A 19 17.42 29.91 9.51
CA LYS A 19 18.49 29.00 9.00
C LYS A 19 18.07 27.53 9.13
N GLN A 20 17.09 27.20 9.96
CA GLN A 20 16.57 25.81 10.12
C GLN A 20 15.04 25.87 10.13
N PRO A 21 14.41 26.32 9.02
CA PRO A 21 12.97 26.58 9.01
C PRO A 21 12.09 25.32 9.08
N TRP A 22 12.70 24.14 8.94
CA TRP A 22 12.01 22.83 9.08
C TRP A 22 11.92 22.43 10.55
N GLN A 23 12.67 23.07 11.44
CA GLN A 23 12.85 22.48 12.80
C GLN A 23 11.59 22.68 13.64
N ALA A 24 11.17 21.64 14.35
CA ALA A 24 10.03 21.67 15.29
C ALA A 24 10.54 21.36 16.69
N LYS A 25 9.98 22.05 17.70
CA LYS A 25 10.28 21.81 19.13
C LYS A 25 9.07 21.11 19.73
N ILE A 26 9.32 20.01 20.44
CA ILE A 26 8.27 19.18 21.08
C ILE A 26 8.53 19.12 22.59
N SER A 27 7.50 19.35 23.39
CA SER A 27 7.47 19.18 24.86
C SER A 27 6.28 18.28 25.21
N VAL A 28 6.48 17.37 26.15
CA VAL A 28 5.41 16.46 26.66
C VAL A 28 5.42 16.61 28.18
N ILE A 29 4.25 16.89 28.78
CA ILE A 29 4.12 17.21 30.24
C ILE A 29 3.49 16.00 30.94
N GLY A 34 6.88 16.76 34.83
CA GLY A 34 8.24 17.20 34.49
C GLY A 34 8.55 16.98 33.01
N HIS A 35 8.79 18.07 32.28
CA HIS A 35 8.74 18.15 30.80
C HIS A 35 9.83 17.26 30.18
N GLU A 36 9.43 16.35 29.28
CA GLU A 36 10.34 15.67 28.30
C GLU A 36 10.44 16.55 27.07
N SER A 37 11.62 16.68 26.46
CA SER A 37 11.83 17.51 25.25
C SER A 37 12.22 16.60 24.09
N CYS A 38 11.77 16.95 22.90
CA CYS A 38 12.23 16.32 21.65
C CYS A 38 12.23 17.39 20.54
N MET A 39 12.80 17.01 19.41
CA MET A 39 12.72 17.84 18.18
C MET A 39 12.03 17.01 17.10
N GLY A 40 11.72 17.68 16.00
CA GLY A 40 11.14 17.05 14.81
C GLY A 40 11.42 17.91 13.61
N ALA A 41 10.89 17.52 12.47
CA ALA A 41 11.07 18.22 11.19
C ALA A 41 9.74 18.35 10.50
N VAL A 42 9.43 19.54 10.01
CA VAL A 42 8.28 19.76 9.09
C VAL A 42 8.57 19.01 7.80
N VAL A 43 7.68 18.10 7.39
CA VAL A 43 7.88 17.32 6.13
C VAL A 43 6.75 17.61 5.14
N SER A 44 5.66 18.23 5.58
CA SER A 44 4.55 18.66 4.71
C SER A 44 3.72 19.69 5.47
N GLU A 45 2.68 20.22 4.83
N GLU A 45 2.68 20.23 4.84
CA GLU A 45 1.82 21.28 5.40
CA GLU A 45 1.86 21.31 5.45
C GLU A 45 1.13 20.79 6.68
C GLU A 45 1.13 20.79 6.69
N TYR A 46 0.98 19.47 6.84
CA TYR A 46 0.20 18.88 7.96
C TYR A 46 1.04 17.96 8.85
N PHE A 47 2.33 17.76 8.57
CA PHE A 47 3.09 16.68 9.26
C PHE A 47 4.45 17.14 9.76
N VAL A 48 4.75 16.72 10.99
CA VAL A 48 6.08 16.82 11.63
C VAL A 48 6.56 15.39 11.91
N LEU A 49 7.74 15.07 11.40
CA LEU A 49 8.39 13.75 11.61
C LEU A 49 9.27 13.83 12.86
N THR A 50 9.17 12.83 13.74
CA THR A 50 9.92 12.79 15.01
C THR A 50 10.16 11.32 15.40
N ALA A 51 10.63 11.10 16.61
CA ALA A 51 10.92 9.76 17.18
C ALA A 51 9.70 9.29 17.98
N ALA A 52 9.38 8.01 17.85
CA ALA A 52 8.27 7.38 18.59
C ALA A 52 8.52 7.46 20.10
N HIS A 53 9.76 7.34 20.56
CA HIS A 53 10.05 7.21 22.02
C HIS A 53 9.78 8.53 22.74
N CYS A 54 9.56 9.63 22.01
CA CYS A 54 9.25 10.96 22.60
C CYS A 54 7.89 10.96 23.30
N PHE A 55 7.05 9.96 23.00
CA PHE A 55 5.66 9.82 23.52
C PHE A 55 5.60 8.55 24.35
N SER A 63 -1.06 18.65 26.80
CA SER A 63 -0.09 17.58 27.15
C SER A 63 1.11 17.59 26.19
N ILE A 64 0.85 17.49 24.88
CA ILE A 64 1.89 17.53 23.83
C ILE A 64 1.92 18.95 23.25
N LYS A 65 3.08 19.60 23.31
CA LYS A 65 3.30 20.96 22.77
C LYS A 65 4.25 20.85 21.59
N VAL A 66 3.83 21.30 20.41
CA VAL A 66 4.69 21.34 19.20
C VAL A 66 4.66 22.78 18.70
N SER A 67 5.85 23.34 18.43
CA SER A 67 6.01 24.68 17.84
C SER A 67 7.00 24.63 16.67
N VAL A 68 6.74 25.50 15.70
CA VAL A 68 7.57 25.68 14.49
C VAL A 68 7.89 27.18 14.37
N GLY A 69 8.86 27.52 13.53
CA GLY A 69 9.15 28.92 13.14
C GLY A 69 9.61 29.76 14.30
N GLY A 70 10.07 29.13 15.39
CA GLY A 70 10.43 29.79 16.65
C GLY A 70 9.23 30.47 17.32
N GLU A 71 8.01 30.05 16.98
CA GLU A 71 6.80 30.67 17.50
C GLU A 71 6.61 30.28 18.97
N LYS A 72 5.98 31.15 19.77
CA LYS A 72 5.51 30.82 21.14
C LYS A 72 4.34 29.83 21.05
N ARG A 73 3.49 30.00 20.03
CA ARG A 73 2.23 29.24 19.82
C ARG A 73 2.49 27.73 19.76
N ASP A 74 1.65 26.95 20.44
CA ASP A 74 1.60 25.47 20.35
C ASP A 74 0.52 25.07 19.35
N LEU A 75 0.88 24.26 18.36
CA LEU A 75 -0.03 23.91 17.24
C LEU A 75 -1.02 22.84 17.69
N GLU A 76 -2.27 22.93 17.20
CA GLU A 76 -3.30 21.92 17.49
C GLU A 76 -2.89 20.61 16.80
N ILE A 77 -2.84 19.52 17.59
CA ILE A 77 -2.47 18.17 17.09
C ILE A 77 -3.75 17.38 16.82
N GLU A 78 -3.84 16.79 15.63
CA GLU A 78 -4.97 15.91 15.25
C GLU A 78 -4.71 14.51 15.77
N VAL A 79 -3.54 13.96 15.48
CA VAL A 79 -3.18 12.55 15.83
C VAL A 79 -1.67 12.44 15.75
N VAL A 80 -1.11 11.53 16.52
CA VAL A 80 0.31 11.10 16.36
C VAL A 80 0.30 9.66 15.85
N LEU A 81 0.94 9.43 14.71
CA LEU A 81 1.03 8.10 14.06
C LEU A 81 2.39 7.47 14.38
N PHE A 82 2.38 6.20 14.76
CA PHE A 82 3.60 5.47 15.20
C PHE A 82 3.91 4.35 14.22
N HIS A 83 5.18 4.15 13.94
CA HIS A 83 5.60 3.00 13.10
C HIS A 83 5.00 1.75 13.73
N PRO A 84 4.31 0.90 12.95
CA PRO A 84 3.66 -0.28 13.51
C PRO A 84 4.62 -1.29 14.13
N ASN A 85 5.91 -1.26 13.77
CA ASN A 85 6.91 -2.25 14.25
C ASN A 85 7.66 -1.69 15.47
N TYR A 86 7.38 -0.45 15.88
CA TYR A 86 8.01 0.15 17.08
C TYR A 86 7.45 -0.50 18.34
N ASN A 87 8.35 -0.96 19.20
CA ASN A 87 7.98 -1.47 20.54
C ASN A 87 9.19 -1.36 21.43
N ILE A 88 9.25 -0.31 22.27
CA ILE A 88 10.45 -0.04 23.13
CA ILE A 88 10.45 -0.04 23.13
C ILE A 88 10.63 -1.23 24.09
N ASN A 89 9.54 -1.94 24.42
CA ASN A 89 9.56 -3.08 25.36
C ASN A 89 9.76 -4.42 24.64
N GLY A 90 10.04 -4.40 23.33
CA GLY A 90 9.93 -5.59 22.47
C GLY A 90 10.91 -6.70 22.82
N LYS A 91 12.03 -6.38 23.48
CA LYS A 91 13.08 -7.38 23.80
C LYS A 91 13.36 -7.40 25.30
N LYS A 92 12.42 -6.92 26.12
CA LYS A 92 12.55 -6.97 27.60
C LYS A 92 12.76 -8.42 28.04
N GLU A 93 12.06 -9.39 27.45
CA GLU A 93 12.18 -10.82 27.86
C GLU A 93 13.61 -11.31 27.64
N ALA A 94 14.33 -10.77 26.64
CA ALA A 94 15.74 -11.12 26.34
C ALA A 94 16.71 -10.27 27.18
N GLY A 95 16.22 -9.44 28.09
CA GLY A 95 17.05 -8.62 28.99
C GLY A 95 17.57 -7.35 28.33
N ILE A 96 16.91 -6.90 27.28
CA ILE A 96 17.19 -5.60 26.60
C ILE A 96 16.12 -4.62 27.07
N PRO A 97 16.44 -3.68 27.99
CA PRO A 97 15.42 -2.84 28.61
C PRO A 97 14.64 -1.94 27.64
N GLU A 98 15.35 -1.34 26.69
CA GLU A 98 14.77 -0.44 25.66
C GLU A 98 15.29 -0.88 24.30
N PHE A 99 14.39 -1.04 23.35
CA PHE A 99 14.67 -1.48 21.97
C PHE A 99 14.14 -0.41 21.03
N TYR A 100 15.05 0.29 20.35
CA TYR A 100 14.71 1.52 19.61
C TYR A 100 14.44 1.22 18.12
N ASP A 101 14.24 -0.04 17.74
CA ASP A 101 13.97 -0.34 16.32
C ASP A 101 12.73 0.45 15.89
N TYR A 102 12.74 0.98 14.67
CA TYR A 102 11.57 1.66 14.04
C TYR A 102 11.07 2.83 14.90
N ASP A 103 12.01 3.56 15.49
CA ASP A 103 11.71 4.69 16.41
C ASP A 103 11.33 5.95 15.61
N VAL A 104 10.21 5.90 14.89
CA VAL A 104 9.69 7.07 14.13
C VAL A 104 8.20 7.23 14.36
N ALA A 105 7.77 8.48 14.35
CA ALA A 105 6.36 8.91 14.55
C ALA A 105 6.11 10.15 13.70
N LEU A 106 4.86 10.32 13.29
CA LEU A 106 4.41 11.49 12.50
C LEU A 106 3.33 12.21 13.30
N ILE A 107 3.58 13.48 13.62
CA ILE A 107 2.56 14.37 14.24
C ILE A 107 1.73 14.97 13.11
N LYS A 108 0.44 14.66 13.08
CA LYS A 108 -0.50 15.25 12.09
C LYS A 108 -1.13 16.48 12.76
N LEU A 109 -0.93 17.62 12.15
CA LEU A 109 -1.48 18.92 12.61
C LEU A 109 -2.91 19.08 12.11
N LYS A 110 -3.79 19.66 12.93
CA LYS A 110 -5.18 19.96 12.55
C LYS A 110 -5.20 21.01 11.44
N ASN A 111 -4.31 22.01 11.54
CA ASN A 111 -4.34 23.21 10.67
C ASN A 111 -3.15 23.19 9.72
N LYS A 112 -3.39 23.63 8.48
CA LYS A 112 -2.37 23.69 7.42
C LYS A 112 -1.29 24.70 7.83
N LEU A 113 -0.03 24.29 7.79
CA LEU A 113 1.10 25.22 8.01
C LEU A 113 1.15 26.18 6.82
N LYS A 114 1.39 27.47 7.12
CA LYS A 114 1.68 28.50 6.10
C LYS A 114 3.20 28.58 5.96
N TYR A 115 3.73 28.08 4.85
CA TYR A 115 5.17 28.15 4.55
C TYR A 115 5.59 29.61 4.39
N GLY A 116 6.81 29.93 4.82
CA GLY A 116 7.37 31.28 4.71
C GLY A 116 8.86 31.26 5.00
N GLN A 117 9.41 32.41 5.39
CA GLN A 117 10.85 32.56 5.76
C GLN A 117 11.20 31.69 6.96
N THR A 118 10.24 31.43 7.86
CA THR A 118 10.51 30.78 9.17
C THR A 118 10.02 29.33 9.19
N ILE A 119 9.20 28.91 8.22
CA ILE A 119 8.56 27.57 8.23
C ILE A 119 8.66 26.98 6.81
N ARG A 120 9.46 25.95 6.65
CA ARG A 120 9.67 25.28 5.34
C ARG A 120 9.85 23.79 5.57
N PRO A 121 9.43 22.96 4.61
CA PRO A 121 9.60 21.52 4.73
C PRO A 121 11.02 21.08 4.35
N ILE A 122 11.52 20.07 5.04
CA ILE A 122 12.80 19.40 4.68
C ILE A 122 12.49 18.31 3.64
N CYS A 123 13.44 17.99 2.78
CA CYS A 123 13.28 16.91 1.77
C CYS A 123 13.38 15.56 2.46
N LEU A 124 12.58 14.61 2.01
CA LEU A 124 12.62 13.21 2.49
C LEU A 124 13.20 12.32 1.40
N PRO A 125 13.85 11.20 1.78
CA PRO A 125 14.39 10.27 0.80
C PRO A 125 13.33 9.67 -0.12
N CYS A 126 13.73 9.43 -1.36
CA CYS A 126 12.95 8.73 -2.40
C CYS A 126 11.63 9.47 -2.67
N THR A 127 11.76 10.78 -2.75
CA THR A 127 10.73 11.72 -3.22
C THR A 127 11.24 12.45 -4.46
N GLU A 128 10.30 12.92 -5.27
CA GLU A 128 10.60 13.82 -6.38
C GLU A 128 11.27 15.09 -5.85
N GLY A 129 10.88 15.57 -4.65
CA GLY A 129 11.52 16.76 -4.05
C GLY A 129 13.03 16.59 -3.96
N THR A 130 13.46 15.44 -3.46
CA THR A 130 14.89 15.11 -3.28
C THR A 130 15.56 14.92 -4.66
N THR A 131 14.91 14.26 -5.61
CA THR A 131 15.45 14.12 -6.98
C THR A 131 15.80 15.52 -7.51
N ARG A 132 14.85 16.46 -7.39
CA ARG A 132 15.03 17.82 -7.95
C ARG A 132 16.08 18.58 -7.14
N ALA A 133 16.07 18.47 -5.81
CA ALA A 133 17.06 19.14 -4.94
C ALA A 133 18.48 18.68 -5.31
N LEU A 134 18.66 17.40 -5.67
CA LEU A 134 19.98 16.82 -6.04
C LEU A 134 20.28 17.01 -7.54
N ARG A 135 19.40 17.68 -8.28
CA ARG A 135 19.56 17.96 -9.74
C ARG A 135 19.78 16.64 -10.48
N LEU A 136 19.00 15.62 -10.13
CA LEU A 136 19.09 14.28 -10.77
C LEU A 136 17.96 14.13 -11.77
N PRO A 137 18.14 13.25 -12.78
CA PRO A 137 17.15 13.11 -13.85
C PRO A 137 15.89 12.38 -13.41
N PRO A 138 14.84 12.45 -14.25
CA PRO A 138 13.52 11.89 -13.89
C PRO A 138 13.49 10.36 -13.79
N THR A 139 14.52 9.68 -14.29
CA THR A 139 14.67 8.20 -14.18
C THR A 139 15.32 7.81 -12.85
N THR A 140 15.64 8.77 -11.99
CA THR A 140 16.34 8.50 -10.71
C THR A 140 15.50 7.53 -9.87
N THR A 141 16.15 6.47 -9.39
CA THR A 141 15.51 5.46 -8.51
C THR A 141 15.79 5.81 -7.05
N CYS A 142 15.09 5.13 -6.17
CA CYS A 142 15.31 5.23 -4.72
C CYS A 142 16.72 4.74 -4.40
N GLN A 143 17.15 3.63 -5.01
CA GLN A 143 18.53 3.09 -4.80
C GLN A 143 19.56 4.14 -5.24
N GLN A 144 19.34 4.83 -6.35
CA GLN A 144 20.28 5.88 -6.85
C GLN A 144 20.35 7.04 -5.84
N GLN A 145 19.21 7.46 -5.27
CA GLN A 145 19.22 8.51 -4.23
C GLN A 145 20.03 8.02 -3.02
N LYS A 146 19.87 6.75 -2.65
CA LYS A 146 20.58 6.17 -1.49
C LYS A 146 22.10 6.19 -1.75
N GLU A 147 22.52 5.85 -2.97
CA GLU A 147 23.97 5.80 -3.34
C GLU A 147 24.54 7.22 -3.31
N GLU A 148 23.72 8.22 -3.67
CA GLU A 148 24.15 9.65 -3.71
C GLU A 148 24.25 10.19 -2.27
N LEU A 149 23.26 9.90 -1.41
CA LEU A 149 23.17 10.51 -0.06
C LEU A 149 23.92 9.71 0.99
N LEU A 150 23.89 8.38 0.90
CA LEU A 150 24.50 7.46 1.89
C LEU A 150 25.46 6.54 1.17
N PRO A 151 26.54 7.08 0.56
CA PRO A 151 27.59 6.24 -0.01
C PRO A 151 28.32 5.46 1.10
N ALA A 152 29.06 4.42 0.72
CA ALA A 152 29.81 3.53 1.63
C ALA A 152 31.10 4.24 2.08
N GLN A 153 30.96 5.27 2.91
CA GLN A 153 32.10 6.10 3.37
C GLN A 153 31.67 6.83 4.65
N ASP A 154 32.57 7.65 5.20
CA ASP A 154 32.18 8.64 6.23
C ASP A 154 31.43 9.77 5.54
N ILE A 155 30.21 10.05 5.98
CA ILE A 155 29.31 11.02 5.32
C ILE A 155 29.17 12.25 6.21
N LYS A 156 29.59 13.40 5.73
CA LYS A 156 29.38 14.69 6.42
C LYS A 156 27.88 14.94 6.53
N ALA A 157 27.42 15.22 7.74
CA ALA A 157 25.99 15.44 8.04
C ALA A 157 25.87 16.49 9.14
N LEU A 158 24.64 16.83 9.50
CA LEU A 158 24.43 17.75 10.63
C LEU A 158 23.14 17.41 11.35
N PHE A 159 23.05 17.84 12.60
CA PHE A 159 21.78 17.85 13.33
C PHE A 159 21.66 19.21 14.00
N VAL A 160 20.46 19.49 14.48
CA VAL A 160 20.12 20.79 15.09
C VAL A 160 19.79 20.53 16.55
N SER A 161 20.46 21.27 17.43
CA SER A 161 20.26 21.24 18.89
C SER A 161 19.76 22.60 19.34
N GLU A 162 19.38 22.76 20.61
CA GLU A 162 19.07 24.08 21.21
C GLU A 162 20.18 24.44 22.19
N GLU A 163 20.68 25.68 22.15
CA GLU A 163 21.52 26.26 23.24
C GLU A 163 20.90 27.61 23.65
N GLU A 164 20.41 27.69 24.89
CA GLU A 164 19.82 28.92 25.47
C GLU A 164 18.75 29.46 24.50
N LYS A 165 17.79 28.61 24.12
CA LYS A 165 16.56 28.93 23.34
C LYS A 165 16.88 29.30 21.90
N LYS A 166 18.14 29.15 21.48
CA LYS A 166 18.51 29.40 20.09
C LYS A 166 18.86 28.05 19.45
N LEU A 167 18.37 27.81 18.23
CA LEU A 167 18.69 26.58 17.46
C LEU A 167 20.10 26.69 16.92
N THR A 168 20.86 25.58 16.93
CA THR A 168 22.27 25.55 16.52
C THR A 168 22.55 24.28 15.71
N ARG A 169 23.31 24.41 14.62
CA ARG A 169 23.77 23.25 13.82
C ARG A 169 25.00 22.64 14.48
N LYS A 170 25.06 21.31 14.47
CA LYS A 170 26.24 20.50 14.88
C LYS A 170 26.64 19.57 13.72
N GLU A 171 27.91 19.56 13.33
CA GLU A 171 28.40 18.72 12.22
C GLU A 171 28.78 17.34 12.76
N VAL A 172 28.27 16.29 12.16
CA VAL A 172 28.62 14.89 12.52
C VAL A 172 28.99 14.12 11.25
N TYR A 173 29.56 12.94 11.42
CA TYR A 173 29.90 12.04 10.29
C TYR A 173 29.21 10.70 10.51
N ILE A 174 28.44 10.30 9.52
CA ILE A 174 27.78 8.96 9.48
C ILE A 174 28.84 7.96 9.05
N LYS A 175 29.08 6.95 9.88
CA LYS A 175 30.08 5.90 9.59
C LYS A 175 29.39 4.84 8.73
N ASN A 176 29.50 4.96 7.41
CA ASN A 176 28.77 4.06 6.49
C ASN A 176 29.74 3.27 5.60
N GLY A 177 31.04 3.35 5.89
CA GLY A 177 32.09 2.62 5.16
C GLY A 177 32.89 1.72 6.08
N ASP A 178 34.22 1.82 6.02
CA ASP A 178 35.14 0.96 6.80
C ASP A 178 34.99 1.18 8.32
N LYS A 179 34.37 2.29 8.77
CA LYS A 179 34.24 2.57 10.22
C LYS A 179 32.86 2.18 10.74
N LYS A 180 31.97 1.70 9.88
CA LYS A 180 30.57 1.36 10.28
C LYS A 180 30.60 0.34 11.41
N GLY A 181 31.37 -0.75 11.28
CA GLY A 181 31.39 -1.83 12.29
C GLY A 181 31.83 -1.31 13.64
N SER A 182 32.89 -0.50 13.66
CA SER A 182 33.45 0.08 14.90
C SER A 182 32.39 0.94 15.59
N CYS A 183 31.69 1.77 14.83
CA CYS A 183 30.63 2.66 15.34
C CYS A 183 29.51 1.80 15.96
N GLU A 184 29.05 0.77 15.24
CA GLU A 184 27.95 -0.10 15.72
C GLU A 184 28.39 -0.87 16.97
N ARG A 185 29.62 -1.37 17.02
CA ARG A 185 30.06 -2.24 18.14
C ARG A 185 30.06 -1.46 19.45
N ASP A 186 30.21 -0.13 19.39
CA ASP A 186 30.25 0.76 20.58
C ASP A 186 28.87 0.81 21.25
N ALA A 187 27.83 0.26 20.61
CA ALA A 187 26.50 0.09 21.24
C ALA A 187 26.62 -0.70 22.54
N GLN A 188 27.64 -1.55 22.68
CA GLN A 188 27.82 -2.43 23.86
C GLN A 188 27.98 -1.58 25.15
N TYR A 189 28.36 -0.30 25.03
CA TYR A 189 28.59 0.60 26.19
C TYR A 189 27.31 1.33 26.60
N ALA A 190 26.22 1.22 25.84
CA ALA A 190 24.98 1.96 26.14
C ALA A 190 24.32 1.35 27.38
N PRO A 191 23.55 2.15 28.15
CA PRO A 191 22.87 1.61 29.34
C PRO A 191 22.00 0.40 29.00
N GLY A 192 22.20 -0.70 29.73
CA GLY A 192 21.39 -1.92 29.60
C GLY A 192 21.85 -2.82 28.46
N TYR A 193 22.90 -2.45 27.70
CA TYR A 193 23.33 -3.21 26.50
C TYR A 193 24.64 -3.97 26.76
N ASP A 194 25.19 -3.88 27.98
CA ASP A 194 26.52 -4.40 28.33
C ASP A 194 26.54 -5.93 28.29
N LYS A 195 25.39 -6.61 28.38
CA LYS A 195 25.33 -8.09 28.45
C LYS A 195 24.83 -8.68 27.13
N VAL A 196 24.69 -7.85 26.09
CA VAL A 196 24.20 -8.30 24.76
C VAL A 196 25.34 -9.03 24.04
N LYS A 197 25.11 -10.29 23.68
CA LYS A 197 26.12 -11.16 23.01
C LYS A 197 26.27 -10.73 21.55
N ASP A 198 25.13 -10.46 20.90
CA ASP A 198 25.02 -10.19 19.45
C ASP A 198 24.50 -8.76 19.30
N ILE A 199 25.39 -7.81 18.98
CA ILE A 199 25.06 -6.37 18.96
C ILE A 199 23.97 -6.10 17.91
N SER A 200 23.83 -6.97 16.91
CA SER A 200 22.76 -6.86 15.88
C SER A 200 21.38 -6.94 16.54
N GLU A 201 21.26 -7.41 17.79
CA GLU A 201 19.97 -7.46 18.52
C GLU A 201 19.54 -6.04 18.93
N VAL A 202 20.47 -5.10 19.06
CA VAL A 202 20.12 -3.70 19.49
C VAL A 202 20.42 -2.70 18.36
N VAL A 203 21.42 -2.98 17.51
CA VAL A 203 21.71 -2.16 16.31
C VAL A 203 21.21 -2.92 15.08
N THR A 204 19.99 -2.63 14.68
CA THR A 204 19.28 -3.27 13.55
C THR A 204 19.67 -2.58 12.25
N PRO A 205 19.29 -3.15 11.09
CA PRO A 205 19.50 -2.49 9.81
C PRO A 205 18.76 -1.14 9.67
N ARG A 206 17.91 -0.78 10.62
CA ARG A 206 17.22 0.54 10.58
C ARG A 206 18.15 1.68 11.00
N PHE A 207 19.36 1.42 11.52
CA PHE A 207 20.18 2.50 12.13
C PHE A 207 21.37 2.94 11.29
N LEU A 208 21.55 4.25 11.29
CA LEU A 208 22.81 4.97 10.94
C LEU A 208 23.53 5.35 12.24
N CYS A 209 24.84 5.47 12.17
CA CYS A 209 25.71 5.63 13.35
C CYS A 209 26.59 6.86 13.15
N THR A 210 26.60 7.80 14.09
CA THR A 210 27.51 8.96 14.12
C THR A 210 28.22 8.99 15.48
N GLY A 211 29.05 10.01 15.71
CA GLY A 211 29.74 10.15 17.00
C GLY A 211 31.10 9.51 16.97
N GLY A 212 31.86 9.65 18.05
CA GLY A 212 33.25 9.18 18.12
C GLY A 212 34.21 10.22 17.59
N VAL A 213 35.48 9.83 17.38
CA VAL A 213 36.58 10.80 17.14
C VAL A 213 37.25 10.55 15.79
N SER A 214 36.80 9.55 15.03
CA SER A 214 37.37 9.22 13.71
C SER A 214 36.22 9.20 12.71
N PRO A 215 36.30 9.95 11.59
CA PRO A 215 37.48 10.74 11.20
C PRO A 215 37.66 12.07 11.95
N TYR A 216 36.60 12.59 12.56
CA TYR A 216 36.64 13.87 13.32
C TYR A 216 35.96 13.72 14.67
N ALA A 217 36.20 14.68 15.56
CA ALA A 217 35.68 14.68 16.93
C ALA A 217 34.22 15.13 16.86
N ASP A 218 33.32 14.20 16.63
CA ASP A 218 31.88 14.50 16.46
C ASP A 218 31.30 14.97 17.79
N PRO A 219 30.44 16.01 17.77
CA PRO A 219 29.59 16.29 18.92
C PRO A 219 28.51 15.18 19.02
N ASN A 220 27.90 15.10 20.19
CA ASN A 220 26.88 14.07 20.51
C ASN A 220 25.54 14.75 20.69
N THR A 221 24.49 14.00 20.40
CA THR A 221 23.09 14.41 20.67
C THR A 221 22.85 14.38 22.18
N CYS A 222 21.98 15.27 22.63
CA CYS A 222 21.38 15.28 23.97
C CYS A 222 20.04 14.57 23.88
N ARG A 223 19.48 14.15 25.01
CA ARG A 223 18.16 13.47 25.01
C ARG A 223 17.12 14.42 24.38
N GLY A 224 17.21 15.73 24.65
CA GLY A 224 16.28 16.75 24.11
C GLY A 224 16.35 16.88 22.59
N ASP A 225 17.41 16.36 21.98
CA ASP A 225 17.61 16.41 20.50
C ASP A 225 16.90 15.23 19.82
N SER A 226 16.49 14.22 20.59
CA SER A 226 15.81 13.02 20.05
C SER A 226 14.63 13.43 19.15
N GLY A 227 14.47 12.74 18.03
CA GLY A 227 13.37 12.98 17.09
C GLY A 227 13.72 13.99 16.02
N GLY A 228 14.77 14.80 16.27
CA GLY A 228 15.21 15.79 15.29
C GLY A 228 15.82 15.14 14.06
N PRO A 229 15.86 15.86 12.92
CA PRO A 229 16.44 15.31 11.70
C PRO A 229 17.97 15.19 11.75
N LEU A 230 18.46 14.09 11.18
CA LEU A 230 19.85 13.91 10.74
C LEU A 230 19.85 14.27 9.25
N ILE A 231 20.68 15.25 8.88
CA ILE A 231 20.56 15.99 7.60
C ILE A 231 21.86 15.86 6.81
N VAL A 232 21.72 15.70 5.51
CA VAL A 232 22.81 15.86 4.51
C VAL A 232 22.56 17.17 3.78
N HIS A 233 23.58 18.01 3.78
CA HIS A 233 23.60 19.34 3.12
C HIS A 233 24.34 19.17 1.80
N LYS A 234 23.60 19.10 0.69
CA LYS A 234 24.18 18.80 -0.65
C LYS A 234 23.55 19.78 -1.65
N ARG A 235 24.36 20.35 -2.55
CA ARG A 235 23.88 21.20 -3.68
C ARG A 235 22.99 22.33 -3.12
N SER A 236 23.40 22.95 -2.00
CA SER A 236 22.72 24.07 -1.31
C SER A 236 21.32 23.66 -0.80
N ARG A 237 21.10 22.37 -0.58
CA ARG A 237 19.77 21.87 -0.12
C ARG A 237 19.98 20.98 1.08
N PHE A 238 18.93 20.79 1.86
CA PHE A 238 18.95 20.02 3.12
C PHE A 238 18.01 18.83 2.95
N ILE A 239 18.59 17.64 3.03
CA ILE A 239 17.87 16.35 2.84
C ILE A 239 17.90 15.62 4.17
N GLN A 240 16.73 15.27 4.70
CA GLN A 240 16.67 14.47 5.93
C GLN A 240 16.96 13.02 5.57
N VAL A 241 18.00 12.43 6.15
CA VAL A 241 18.30 10.98 5.93
C VAL A 241 17.95 10.16 7.18
N GLY A 242 17.79 10.81 8.34
CA GLY A 242 17.62 10.07 9.59
C GLY A 242 16.79 10.82 10.61
N VAL A 243 16.32 10.07 11.59
CA VAL A 243 15.66 10.63 12.80
C VAL A 243 16.55 10.26 13.97
N ILE A 244 16.96 11.25 14.76
CA ILE A 244 17.82 10.99 15.94
C ILE A 244 17.05 10.08 16.91
N SER A 245 17.64 8.94 17.29
CA SER A 245 16.94 7.92 18.12
C SER A 245 17.60 7.75 19.49
N TRP A 246 18.86 7.31 19.56
CA TRP A 246 19.46 7.04 20.88
C TRP A 246 20.98 7.21 20.88
N GLY A 247 21.52 7.49 22.06
CA GLY A 247 22.96 7.65 22.28
C GLY A 247 23.50 6.57 23.18
N VAL A 248 24.82 6.42 23.17
CA VAL A 248 25.55 5.44 24.01
C VAL A 248 25.83 6.08 25.38
N VAL A 249 26.19 7.36 25.38
CA VAL A 249 26.58 8.15 26.59
C VAL A 249 25.73 9.42 26.64
N ASP A 250 25.22 9.76 27.82
CA ASP A 250 24.50 11.03 28.04
C ASP A 250 25.55 12.10 28.40
N VAL A 251 26.08 12.79 27.40
CA VAL A 251 27.16 13.81 27.58
C VAL A 251 26.56 15.14 28.05
N CYS A 252 25.25 15.35 27.98
CA CYS A 252 24.61 16.68 28.24
C CYS A 252 24.04 16.76 29.66
N VAL A 261 34.45 13.29 27.19
CA VAL A 261 33.58 12.46 26.32
C VAL A 261 34.37 11.25 25.81
N PRO A 262 33.90 10.00 26.03
CA PRO A 262 34.63 8.83 25.52
C PRO A 262 34.58 8.74 23.98
N ALA A 263 35.61 8.15 23.35
CA ALA A 263 35.62 7.82 21.91
C ALA A 263 34.46 6.87 21.57
N HIS A 264 33.88 6.14 22.54
CA HIS A 264 32.78 5.19 22.27
C HIS A 264 31.41 5.89 22.32
N ALA A 265 31.37 7.23 22.46
CA ALA A 265 30.11 8.00 22.53
C ALA A 265 29.54 8.13 21.11
N ARG A 266 28.74 7.15 20.70
CA ARG A 266 28.09 7.13 19.38
C ARG A 266 26.64 7.57 19.52
N ASP A 267 26.04 7.96 18.39
CA ASP A 267 24.59 8.25 18.30
C ASP A 267 24.03 7.42 17.16
N PHE A 268 22.82 6.91 17.37
CA PHE A 268 22.10 6.06 16.42
C PHE A 268 20.83 6.78 15.98
N HIS A 269 20.55 6.67 14.70
CA HIS A 269 19.51 7.41 13.98
C HIS A 269 18.74 6.43 13.12
N ILE A 270 17.41 6.55 13.09
CA ILE A 270 16.59 5.73 12.16
C ILE A 270 16.84 6.23 10.75
N ASN A 271 17.34 5.32 9.92
CA ASN A 271 17.60 5.54 8.48
C ASN A 271 16.25 5.61 7.76
N LEU A 272 15.89 6.76 7.21
CA LEU A 272 14.54 6.91 6.61
C LEU A 272 14.45 6.08 5.33
N PHE A 273 15.58 5.69 4.72
CA PHE A 273 15.54 4.76 3.57
C PHE A 273 15.01 3.40 3.99
N GLN A 274 14.98 3.11 5.30
CA GLN A 274 14.60 1.79 5.83
C GLN A 274 13.16 1.79 6.37
N VAL A 275 12.43 2.91 6.30
CA VAL A 275 11.02 2.97 6.77
C VAL A 275 10.12 3.60 5.69
N LEU A 276 10.48 3.41 4.42
CA LEU A 276 9.76 4.04 3.30
C LEU A 276 8.35 3.50 3.14
N PRO A 277 8.05 2.19 3.24
CA PRO A 277 6.66 1.75 3.11
C PRO A 277 5.72 2.52 4.05
N TRP A 278 6.16 2.72 5.30
CA TRP A 278 5.35 3.46 6.31
C TRP A 278 5.25 4.94 5.93
N LEU A 279 6.38 5.57 5.60
CA LEU A 279 6.35 7.01 5.23
C LEU A 279 5.44 7.21 4.02
N LYS A 280 5.57 6.37 2.99
CA LYS A 280 4.79 6.48 1.74
C LYS A 280 3.29 6.36 2.07
N GLU A 281 2.93 5.42 2.93
CA GLU A 281 1.49 5.20 3.26
C GLU A 281 0.98 6.41 4.03
N LYS A 282 1.68 6.85 5.07
CA LYS A 282 1.14 7.91 5.96
C LYS A 282 1.15 9.26 5.26
N LEU A 283 2.11 9.50 4.35
CA LEU A 283 2.24 10.83 3.68
C LEU A 283 1.70 10.77 2.24
N GLN A 284 0.92 9.74 1.89
CA GLN A 284 0.48 9.51 0.48
C GLN A 284 -0.30 10.71 -0.06
N ASP A 285 -1.01 11.49 0.79
CA ASP A 285 -1.86 12.61 0.33
C ASP A 285 -1.16 13.96 0.50
N GLU A 286 0.14 13.97 0.78
CA GLU A 286 0.87 15.22 1.13
C GLU A 286 1.60 15.83 -0.07
N ASP A 287 1.36 15.32 -1.28
CA ASP A 287 1.90 15.90 -2.54
C ASP A 287 3.44 15.91 -2.48
N LEU A 288 4.07 14.88 -1.92
CA LEU A 288 5.57 14.82 -1.84
C LEU A 288 6.16 14.02 -3.01
N GLY A 289 5.34 13.33 -3.79
CA GLY A 289 5.82 12.58 -4.98
C GLY A 289 6.80 11.48 -4.58
N PHE A 290 6.44 10.62 -3.65
CA PHE A 290 7.26 9.42 -3.35
C PHE A 290 7.40 8.61 -4.63
N LEU A 291 8.61 8.11 -4.84
CA LEU A 291 8.92 7.14 -5.92
C LEU A 291 8.30 5.78 -5.55
N LEU B 2 -15.27 7.62 -13.19
CA LEU B 2 -14.33 6.78 -13.99
C LEU B 2 -14.42 7.15 -15.47
N SER B 3 -13.28 7.32 -16.12
CA SER B 3 -13.16 7.39 -17.59
C SER B 3 -13.63 6.05 -18.21
N LEU B 4 -14.28 6.14 -19.37
CA LEU B 4 -14.54 4.99 -20.26
C LEU B 4 -13.22 4.65 -20.94
N CYS B 5 -12.62 3.53 -20.58
CA CYS B 5 -11.31 3.07 -21.11
C CYS B 5 -11.53 2.14 -22.31
N GLY B 6 -10.52 2.05 -23.18
CA GLY B 6 -10.46 1.03 -24.25
C GLY B 6 -11.58 1.21 -25.25
N MET B 7 -12.05 2.44 -25.45
CA MET B 7 -13.12 2.73 -26.43
C MET B 7 -12.55 3.58 -27.56
N VAL B 8 -12.81 3.18 -28.80
CA VAL B 8 -12.32 3.84 -30.04
C VAL B 8 -13.47 4.69 -30.60
N TRP B 9 -13.16 5.85 -31.18
CA TRP B 9 -14.14 6.89 -31.63
C TRP B 9 -15.29 6.25 -32.43
N ASP B 16 -5.37 7.24 -37.83
CA ASP B 16 -4.97 5.92 -37.29
C ASP B 16 -4.73 6.01 -35.78
N TYR B 17 -4.51 7.19 -35.17
CA TYR B 17 -4.66 7.37 -33.70
C TYR B 17 -6.14 7.36 -33.33
N HIS B 18 -7.03 7.57 -34.31
CA HIS B 18 -8.48 7.29 -34.15
C HIS B 18 -8.65 5.82 -33.73
N LYS B 19 -7.88 4.89 -34.32
CA LYS B 19 -8.08 3.43 -34.11
C LYS B 19 -7.24 2.91 -32.94
N GLN B 20 -6.16 3.60 -32.55
CA GLN B 20 -5.29 3.20 -31.41
C GLN B 20 -4.98 4.44 -30.56
N PRO B 21 -6.00 5.08 -29.97
CA PRO B 21 -5.82 6.38 -29.30
C PRO B 21 -5.01 6.35 -28.00
N TRP B 22 -4.74 5.16 -27.49
CA TRP B 22 -3.91 4.91 -26.28
CA TRP B 22 -3.90 4.93 -26.28
C TRP B 22 -2.42 4.87 -26.65
N GLN B 23 -2.09 4.78 -27.94
CA GLN B 23 -0.68 4.46 -28.30
C GLN B 23 0.23 5.66 -28.02
N ALA B 24 1.38 5.41 -27.41
CA ALA B 24 2.42 6.42 -27.14
C ALA B 24 3.69 6.02 -27.88
N LYS B 25 4.40 7.00 -28.42
CA LYS B 25 5.71 6.81 -29.09
C LYS B 25 6.77 7.34 -28.13
N ILE B 26 7.80 6.53 -27.88
CA ILE B 26 8.94 6.88 -27.01
C ILE B 26 10.23 6.81 -27.82
N SER B 27 11.09 7.82 -27.67
CA SER B 27 12.47 7.87 -28.24
CA SER B 27 12.48 7.71 -28.17
C SER B 27 13.43 8.24 -27.11
N VAL B 28 14.60 7.61 -27.05
CA VAL B 28 15.69 7.94 -26.10
C VAL B 28 16.99 7.99 -26.91
N ILE B 29 18.02 8.69 -26.44
CA ILE B 29 19.41 8.59 -27.00
C ILE B 29 20.30 7.71 -26.11
N GLY B 34 23.34 6.22 -29.34
CA GLY B 34 22.36 5.43 -30.11
C GLY B 34 20.93 5.87 -29.85
N HIS B 35 20.23 6.31 -30.90
CA HIS B 35 18.76 6.52 -30.94
C HIS B 35 18.08 5.15 -30.78
N GLU B 36 17.22 4.98 -29.76
CA GLU B 36 16.41 3.77 -29.49
C GLU B 36 14.96 4.24 -29.48
N SER B 37 14.05 3.39 -29.97
CA SER B 37 12.59 3.65 -30.01
C SER B 37 11.90 2.63 -29.11
N CYS B 38 10.78 3.05 -28.53
CA CYS B 38 9.84 2.16 -27.83
C CYS B 38 8.43 2.68 -28.03
N MET B 39 7.46 1.90 -27.59
CA MET B 39 6.05 2.33 -27.53
C MET B 39 5.57 2.24 -26.08
N GLY B 40 4.38 2.76 -25.83
CA GLY B 40 3.71 2.67 -24.53
C GLY B 40 2.23 2.85 -24.72
N ALA B 41 1.51 2.89 -23.61
CA ALA B 41 0.04 3.03 -23.61
C ALA B 41 -0.34 4.08 -22.58
N VAL B 42 -1.23 4.97 -22.99
CA VAL B 42 -1.91 5.89 -22.06
C VAL B 42 -2.79 5.04 -21.14
N VAL B 43 -2.58 5.12 -19.82
CA VAL B 43 -3.40 4.33 -18.86
C VAL B 43 -4.19 5.27 -17.93
N SER B 44 -3.84 6.55 -17.89
CA SER B 44 -4.58 7.57 -17.10
C SER B 44 -4.18 8.95 -17.63
N GLU B 45 -4.76 10.01 -17.07
CA GLU B 45 -4.51 11.39 -17.57
C GLU B 45 -3.06 11.78 -17.35
N TYR B 46 -2.35 11.11 -16.44
CA TYR B 46 -0.96 11.48 -16.07
C TYR B 46 0.05 10.36 -16.34
N PHE B 47 -0.35 9.21 -16.90
CA PHE B 47 0.58 8.05 -16.95
C PHE B 47 0.56 7.33 -18.29
N VAL B 48 1.79 7.02 -18.74
CA VAL B 48 2.07 6.12 -19.89
C VAL B 48 2.81 4.89 -19.37
N LEU B 49 2.26 3.72 -19.64
CA LEU B 49 2.85 2.42 -19.24
C LEU B 49 3.73 1.92 -20.39
N THR B 50 4.94 1.47 -20.07
CA THR B 50 5.93 1.02 -21.07
C THR B 50 6.86 -0.02 -20.43
N ALA B 51 7.94 -0.37 -21.13
CA ALA B 51 8.95 -1.35 -20.66
C ALA B 51 10.12 -0.63 -20.00
N ALA B 52 10.61 -1.17 -18.89
CA ALA B 52 11.75 -0.64 -18.13
C ALA B 52 13.02 -0.59 -19.03
N HIS B 53 13.22 -1.58 -19.89
CA HIS B 53 14.50 -1.69 -20.65
C HIS B 53 14.63 -0.58 -21.69
N CYS B 54 13.57 0.20 -21.94
CA CYS B 54 13.58 1.35 -22.90
C CYS B 54 14.48 2.48 -22.40
N PHE B 55 14.83 2.50 -21.11
CA PHE B 55 15.53 3.65 -20.47
C PHE B 55 16.97 3.34 -20.08
N THR B 56 17.82 4.36 -20.20
CA THR B 56 19.12 4.48 -19.50
C THR B 56 18.84 5.03 -18.10
N VAL B 57 19.35 4.35 -17.07
CA VAL B 57 19.21 4.79 -15.65
C VAL B 57 20.61 5.04 -15.07
N ASP B 58 21.08 6.29 -15.14
CA ASP B 58 22.40 6.69 -14.60
C ASP B 58 22.23 8.09 -13.96
N ASP B 59 23.29 8.86 -13.84
CA ASP B 59 23.19 10.17 -13.15
C ASP B 59 23.07 11.27 -14.21
N LYS B 60 22.84 10.82 -15.44
CA LYS B 60 22.92 11.62 -16.67
C LYS B 60 21.49 11.91 -17.14
N GLU B 61 21.27 13.17 -17.44
CA GLU B 61 20.15 13.62 -18.30
C GLU B 61 20.32 12.87 -19.62
N HIS B 62 19.24 12.31 -20.16
CA HIS B 62 19.18 11.86 -21.57
C HIS B 62 17.95 12.49 -22.20
N SER B 63 17.92 12.49 -23.52
CA SER B 63 16.80 13.00 -24.35
CA SER B 63 16.79 13.01 -24.33
C SER B 63 15.70 11.94 -24.38
N ILE B 64 14.76 12.00 -23.46
CA ILE B 64 13.56 11.11 -23.46
C ILE B 64 12.41 11.87 -24.10
N LYS B 65 11.86 11.34 -25.18
CA LYS B 65 10.74 11.95 -25.93
C LYS B 65 9.55 11.00 -25.81
N VAL B 66 8.42 11.47 -25.30
CA VAL B 66 7.14 10.71 -25.32
C VAL B 66 6.10 11.58 -26.02
N SER B 67 5.37 11.00 -26.97
CA SER B 67 4.31 11.67 -27.74
C SER B 67 3.06 10.78 -27.77
N VAL B 68 1.90 11.42 -27.79
CA VAL B 68 0.57 10.77 -27.92
C VAL B 68 -0.17 11.42 -29.08
N GLY B 69 -1.23 10.76 -29.55
CA GLY B 69 -2.20 11.29 -30.54
C GLY B 69 -1.54 11.66 -31.86
N GLY B 70 -0.36 11.12 -32.15
CA GLY B 70 0.41 11.47 -33.36
C GLY B 70 0.90 12.91 -33.34
N GLU B 71 1.00 13.52 -32.14
CA GLU B 71 1.47 14.89 -32.01
C GLU B 71 2.97 15.00 -32.31
N LYS B 72 3.41 16.16 -32.81
CA LYS B 72 4.85 16.52 -32.93
C LYS B 72 5.45 16.70 -31.53
N ARG B 73 4.67 17.26 -30.60
CA ARG B 73 5.13 17.68 -29.26
C ARG B 73 5.64 16.47 -28.49
N ASP B 74 6.69 16.71 -27.72
CA ASP B 74 7.23 15.79 -26.68
C ASP B 74 6.66 16.26 -25.34
N LEU B 75 5.97 15.38 -24.62
CA LEU B 75 5.26 15.77 -23.38
C LEU B 75 6.26 15.94 -22.23
N GLU B 76 6.00 16.89 -21.33
CA GLU B 76 6.89 17.11 -20.18
C GLU B 76 6.78 15.89 -19.24
N ILE B 77 7.93 15.26 -18.95
CA ILE B 77 8.02 14.05 -18.10
C ILE B 77 8.38 14.52 -16.68
N GLU B 78 7.59 14.08 -15.70
CA GLU B 78 7.81 14.44 -14.29
C GLU B 78 8.76 13.42 -13.67
N VAL B 79 8.47 12.14 -13.87
CA VAL B 79 9.29 11.03 -13.30
C VAL B 79 9.06 9.80 -14.17
N VAL B 80 10.04 8.91 -14.19
CA VAL B 80 9.88 7.55 -14.75
C VAL B 80 10.06 6.57 -13.58
N LEU B 81 9.05 5.74 -13.34
CA LEU B 81 9.02 4.76 -12.24
C LEU B 81 9.28 3.39 -12.82
N PHE B 82 10.19 2.65 -12.17
CA PHE B 82 10.61 1.30 -12.60
C PHE B 82 10.08 0.27 -11.60
N HIS B 83 9.62 -0.86 -12.11
CA HIS B 83 9.26 -1.97 -11.22
C HIS B 83 10.45 -2.25 -10.31
N PRO B 84 10.24 -2.33 -8.99
CA PRO B 84 11.36 -2.50 -8.05
C PRO B 84 12.13 -3.82 -8.24
N ASN B 85 11.54 -4.82 -8.90
CA ASN B 85 12.17 -6.16 -9.06
C ASN B 85 12.90 -6.24 -10.40
N TYR B 86 12.81 -5.21 -11.23
CA TYR B 86 13.50 -5.17 -12.55
C TYR B 86 15.00 -5.00 -12.35
N ASN B 87 15.79 -5.86 -12.99
CA ASN B 87 17.26 -5.71 -13.04
C ASN B 87 17.78 -6.48 -14.25
N ILE B 88 18.08 -5.78 -15.35
CA ILE B 88 18.48 -6.44 -16.62
C ILE B 88 19.78 -7.24 -16.37
N ASN B 89 20.60 -6.83 -15.40
CA ASN B 89 21.89 -7.48 -15.07
C ASN B 89 21.74 -8.52 -13.94
N GLY B 90 20.51 -8.87 -13.54
CA GLY B 90 20.25 -9.60 -12.29
C GLY B 90 20.81 -11.01 -12.27
N LYS B 91 21.04 -11.62 -13.45
CA LYS B 91 21.53 -13.02 -13.54
C LYS B 91 22.81 -13.07 -14.38
N LYS B 92 23.53 -11.96 -14.51
CA LYS B 92 24.80 -11.89 -15.28
C LYS B 92 25.77 -12.95 -14.72
N GLU B 93 25.87 -13.07 -13.41
CA GLU B 93 26.85 -13.98 -12.75
C GLU B 93 26.52 -15.43 -13.14
N ALA B 94 25.25 -15.75 -13.38
CA ALA B 94 24.78 -17.09 -13.77
C ALA B 94 24.86 -17.29 -15.30
N GLY B 95 25.44 -16.34 -16.03
CA GLY B 95 25.69 -16.46 -17.49
C GLY B 95 24.45 -16.10 -18.31
N ILE B 96 23.51 -15.37 -17.73
CA ILE B 96 22.33 -14.79 -18.46
C ILE B 96 22.62 -13.29 -18.65
N PRO B 97 23.04 -12.84 -19.85
CA PRO B 97 23.45 -11.45 -20.04
C PRO B 97 22.33 -10.41 -19.77
N GLU B 98 21.12 -10.71 -20.22
CA GLU B 98 19.95 -9.81 -20.07
C GLU B 98 18.79 -10.60 -19.47
N PHE B 99 18.23 -10.09 -18.37
CA PHE B 99 17.13 -10.75 -17.63
C PHE B 99 15.96 -9.76 -17.60
N TYR B 100 14.88 -10.10 -18.29
CA TYR B 100 13.77 -9.17 -18.57
C TYR B 100 12.65 -9.32 -17.54
N ASP B 101 12.86 -10.01 -16.42
CA ASP B 101 11.76 -10.15 -15.43
C ASP B 101 11.30 -8.75 -15.01
N TYR B 102 10.00 -8.57 -14.82
CA TYR B 102 9.39 -7.31 -14.28
C TYR B 102 9.78 -6.09 -15.15
N ASP B 103 9.84 -6.27 -16.47
CA ASP B 103 10.24 -5.23 -17.44
C ASP B 103 9.10 -4.24 -17.69
N VAL B 104 8.69 -3.50 -16.66
CA VAL B 104 7.63 -2.49 -16.78
C VAL B 104 8.09 -1.19 -16.10
N ALA B 105 7.65 -0.08 -16.68
CA ALA B 105 7.92 1.28 -16.20
C ALA B 105 6.69 2.15 -16.45
N LEU B 106 6.50 3.14 -15.58
CA LEU B 106 5.44 4.15 -15.74
C LEU B 106 6.08 5.52 -15.92
N ILE B 107 5.73 6.17 -17.03
CA ILE B 107 6.09 7.59 -17.28
C ILE B 107 4.99 8.43 -16.65
N LYS B 108 5.33 9.23 -15.65
CA LYS B 108 4.39 10.23 -15.06
C LYS B 108 4.58 11.54 -15.81
N LEU B 109 3.52 12.01 -16.43
CA LEU B 109 3.47 13.30 -17.16
C LEU B 109 3.23 14.44 -16.16
N LYS B 110 3.89 15.57 -16.36
CA LYS B 110 3.70 16.78 -15.53
C LYS B 110 2.27 17.30 -15.66
N ASN B 111 1.75 17.30 -16.89
CA ASN B 111 0.47 17.95 -17.24
C ASN B 111 -0.58 16.92 -17.62
N LYS B 112 -1.82 17.22 -17.26
CA LYS B 112 -3.00 16.35 -17.46
C LYS B 112 -3.23 16.20 -18.96
N LEU B 113 -3.35 14.96 -19.45
CA LEU B 113 -3.76 14.72 -20.84
C LEU B 113 -5.22 15.17 -21.02
N LYS B 114 -5.50 15.84 -22.13
CA LYS B 114 -6.89 16.13 -22.56
C LYS B 114 -7.30 15.00 -23.49
N TYR B 115 -8.20 14.13 -23.02
CA TYR B 115 -8.75 13.02 -23.81
C TYR B 115 -9.58 13.61 -24.95
N GLY B 116 -9.57 12.91 -26.09
CA GLY B 116 -10.40 13.24 -27.25
C GLY B 116 -10.49 12.06 -28.19
N GLN B 117 -10.75 12.30 -29.47
CA GLN B 117 -10.89 11.24 -30.49
C GLN B 117 -9.54 10.54 -30.69
N THR B 118 -8.40 11.22 -30.47
CA THR B 118 -7.05 10.68 -30.82
C THR B 118 -6.23 10.35 -29.58
N ILE B 119 -6.71 10.66 -28.38
CA ILE B 119 -5.97 10.41 -27.11
C ILE B 119 -6.96 9.85 -26.10
N ARG B 120 -6.84 8.58 -25.77
CA ARG B 120 -7.75 7.87 -24.84
C ARG B 120 -6.96 6.85 -24.04
N PRO B 121 -7.42 6.53 -22.82
CA PRO B 121 -6.77 5.51 -22.02
C PRO B 121 -7.23 4.12 -22.45
N ILE B 122 -6.31 3.17 -22.39
CA ILE B 122 -6.63 1.73 -22.53
C ILE B 122 -7.05 1.19 -21.15
N CYS B 123 -7.88 0.15 -21.13
CA CYS B 123 -8.29 -0.50 -19.86
C CYS B 123 -7.14 -1.33 -19.30
N LEU B 124 -6.99 -1.31 -17.99
CA LEU B 124 -6.01 -2.16 -17.27
C LEU B 124 -6.76 -3.30 -16.60
N PRO B 125 -6.08 -4.44 -16.40
CA PRO B 125 -6.66 -5.56 -15.67
C PRO B 125 -7.07 -5.20 -14.24
N CYS B 126 -8.15 -5.83 -13.78
CA CYS B 126 -8.59 -5.78 -12.37
C CYS B 126 -8.93 -4.34 -12.00
N THR B 127 -9.68 -3.69 -12.89
CA THR B 127 -10.24 -2.33 -12.68
C THR B 127 -11.74 -2.34 -12.94
N GLU B 128 -12.44 -1.40 -12.32
CA GLU B 128 -13.84 -1.06 -12.67
C GLU B 128 -13.96 -0.72 -14.16
N GLY B 129 -12.95 -0.05 -14.74
CA GLY B 129 -12.94 0.28 -16.17
C GLY B 129 -13.15 -0.97 -17.02
N THR B 130 -12.41 -2.03 -16.73
CA THR B 130 -12.47 -3.31 -17.48
C THR B 130 -13.84 -3.98 -17.22
N THR B 131 -14.33 -3.97 -15.98
CA THR B 131 -15.68 -4.53 -15.70
C THR B 131 -16.70 -3.85 -16.61
N ARG B 132 -16.68 -2.52 -16.67
CA ARG B 132 -17.66 -1.74 -17.48
C ARG B 132 -17.46 -2.03 -18.97
N ALA B 133 -16.20 -2.04 -19.45
CA ALA B 133 -15.88 -2.28 -20.87
C ALA B 133 -16.43 -3.65 -21.30
N LEU B 134 -16.32 -4.66 -20.44
CA LEU B 134 -16.75 -6.05 -20.75
C LEU B 134 -18.22 -6.25 -20.40
N ARG B 135 -18.94 -5.21 -19.97
CA ARG B 135 -20.40 -5.26 -19.64
C ARG B 135 -20.62 -6.37 -18.61
N LEU B 136 -19.76 -6.45 -17.60
CA LEU B 136 -19.82 -7.50 -16.55
C LEU B 136 -20.47 -6.91 -15.31
N PRO B 137 -21.02 -7.77 -14.44
CA PRO B 137 -21.71 -7.29 -13.24
C PRO B 137 -20.76 -6.69 -12.22
N PRO B 138 -21.31 -5.86 -11.30
CA PRO B 138 -20.48 -5.10 -10.36
C PRO B 138 -19.74 -5.98 -9.34
N THR B 139 -20.11 -7.26 -9.22
CA THR B 139 -19.45 -8.25 -8.33
C THR B 139 -18.27 -8.92 -9.04
N THR B 140 -17.96 -8.52 -10.26
CA THR B 140 -16.83 -9.11 -11.03
C THR B 140 -15.52 -8.92 -10.25
N THR B 141 -14.79 -10.00 -10.02
CA THR B 141 -13.50 -10.00 -9.29
C THR B 141 -12.33 -9.91 -10.27
N CYS B 142 -11.15 -9.66 -9.73
CA CYS B 142 -9.88 -9.69 -10.48
C CYS B 142 -9.70 -11.10 -11.09
N GLN B 143 -9.94 -12.15 -10.30
CA GLN B 143 -9.77 -13.55 -10.77
C GLN B 143 -10.72 -13.79 -11.95
N GLN B 144 -11.96 -13.31 -11.85
CA GLN B 144 -12.97 -13.48 -12.94
C GLN B 144 -12.49 -12.77 -14.21
N GLN B 145 -11.96 -11.55 -14.10
CA GLN B 145 -11.41 -10.82 -15.27
C GLN B 145 -10.26 -11.64 -15.88
N LYS B 146 -9.40 -12.22 -15.05
CA LYS B 146 -8.26 -13.03 -15.54
C LYS B 146 -8.79 -14.25 -16.32
N GLU B 147 -9.83 -14.93 -15.81
CA GLU B 147 -10.39 -16.15 -16.47
C GLU B 147 -11.02 -15.76 -17.80
N GLU B 148 -11.60 -14.55 -17.87
CA GLU B 148 -12.28 -14.05 -19.09
C GLU B 148 -11.23 -13.63 -20.14
N LEU B 149 -10.18 -12.92 -19.72
CA LEU B 149 -9.21 -12.29 -20.66
C LEU B 149 -8.04 -13.21 -21.00
N LEU B 150 -7.58 -14.00 -20.04
CA LEU B 150 -6.45 -14.95 -20.24
C LEU B 150 -6.91 -16.37 -19.91
N PRO B 151 -7.87 -16.92 -20.68
CA PRO B 151 -8.24 -18.32 -20.53
C PRO B 151 -7.08 -19.24 -20.95
N ALA B 152 -7.16 -20.50 -20.54
CA ALA B 152 -6.14 -21.55 -20.78
C ALA B 152 -6.28 -22.06 -22.22
N GLN B 153 -5.91 -21.23 -23.18
CA GLN B 153 -6.07 -21.54 -24.62
C GLN B 153 -5.12 -20.66 -25.41
N ASP B 154 -5.17 -20.78 -26.74
CA ASP B 154 -4.53 -19.80 -27.65
C ASP B 154 -5.46 -18.58 -27.65
N ILE B 155 -4.97 -17.42 -27.23
CA ILE B 155 -5.80 -16.20 -27.02
C ILE B 155 -5.50 -15.22 -28.13
N LYS B 156 -6.52 -14.87 -28.91
CA LYS B 156 -6.39 -13.82 -29.94
C LYS B 156 -6.07 -12.50 -29.24
N ALA B 157 -4.99 -11.86 -29.68
CA ALA B 157 -4.54 -10.58 -29.11
C ALA B 157 -3.96 -9.74 -30.24
N LEU B 158 -3.60 -8.51 -29.93
CA LEU B 158 -3.02 -7.61 -30.95
C LEU B 158 -2.01 -6.71 -30.28
N PHE B 159 -1.05 -6.27 -31.08
CA PHE B 159 -0.16 -5.18 -30.72
C PHE B 159 -0.13 -4.23 -31.92
N VAL B 160 0.43 -3.06 -31.67
CA VAL B 160 0.54 -1.99 -32.69
C VAL B 160 2.02 -1.81 -33.00
N SER B 161 2.36 -1.87 -34.27
CA SER B 161 3.74 -1.67 -34.78
C SER B 161 3.74 -0.41 -35.64
N GLU B 162 4.91 0.22 -35.77
CA GLU B 162 5.11 1.29 -36.78
C GLU B 162 5.55 0.62 -38.09
N GLU B 163 4.74 0.72 -39.14
CA GLU B 163 5.11 0.27 -40.52
C GLU B 163 5.60 1.49 -41.33
N LEU B 167 0.68 3.68 -37.96
CA LEU B 167 0.52 2.57 -36.97
C LEU B 167 -0.24 1.44 -37.64
N THR B 168 0.16 0.19 -37.37
CA THR B 168 -0.49 -1.01 -37.92
C THR B 168 -0.79 -2.00 -36.80
N ARG B 169 -2.03 -2.51 -36.77
CA ARG B 169 -2.44 -3.59 -35.84
C ARG B 169 -1.89 -4.91 -36.36
N LYS B 170 -1.29 -5.68 -35.45
CA LYS B 170 -0.75 -7.03 -35.73
C LYS B 170 -1.49 -8.01 -34.80
N GLU B 171 -2.16 -8.98 -35.38
CA GLU B 171 -2.87 -10.03 -34.63
C GLU B 171 -1.86 -11.12 -34.25
N VAL B 172 -1.81 -11.46 -32.97
CA VAL B 172 -0.94 -12.55 -32.45
C VAL B 172 -1.80 -13.43 -31.56
N TYR B 173 -1.27 -14.59 -31.18
CA TYR B 173 -1.95 -15.52 -30.27
C TYR B 173 -1.04 -15.78 -29.09
N ILE B 174 -1.59 -15.52 -27.91
CA ILE B 174 -0.93 -15.83 -26.63
C ILE B 174 -1.11 -17.33 -26.41
N LYS B 175 -0.01 -18.07 -26.25
CA LYS B 175 -0.06 -19.52 -26.00
C LYS B 175 -0.22 -19.71 -24.49
N ASN B 176 -1.47 -19.84 -24.04
CA ASN B 176 -1.77 -19.92 -22.59
C ASN B 176 -2.45 -21.26 -22.26
N GLY B 177 -2.49 -22.20 -23.21
CA GLY B 177 -3.07 -23.54 -23.00
C GLY B 177 -2.04 -24.63 -23.29
N ASP B 178 -2.41 -25.56 -24.15
CA ASP B 178 -1.61 -26.77 -24.46
C ASP B 178 -0.31 -26.42 -25.20
N LYS B 179 -0.12 -25.20 -25.69
CA LYS B 179 1.11 -24.80 -26.43
C LYS B 179 1.97 -23.87 -25.58
N LYS B 180 1.58 -23.55 -24.36
CA LYS B 180 2.34 -22.59 -23.50
C LYS B 180 3.80 -23.08 -23.34
N GLY B 181 3.99 -24.35 -22.99
CA GLY B 181 5.33 -24.91 -22.74
C GLY B 181 6.21 -24.80 -23.97
N SER B 182 5.66 -25.15 -25.12
CA SER B 182 6.39 -25.16 -26.42
CA SER B 182 6.40 -25.17 -26.41
C SER B 182 6.84 -23.74 -26.76
N CYS B 183 5.97 -22.76 -26.55
CA CYS B 183 6.27 -21.33 -26.79
C CYS B 183 7.42 -20.91 -25.86
N GLU B 184 7.31 -21.23 -24.56
CA GLU B 184 8.34 -20.87 -23.56
C GLU B 184 9.67 -21.54 -23.90
N ARG B 185 9.67 -22.81 -24.31
CA ARG B 185 10.92 -23.58 -24.51
C ARG B 185 11.76 -22.95 -25.63
N ASP B 186 11.10 -22.25 -26.57
CA ASP B 186 11.79 -21.60 -27.71
C ASP B 186 12.65 -20.42 -27.23
N ALA B 187 12.52 -20.01 -25.98
CA ALA B 187 13.41 -18.99 -25.37
C ALA B 187 14.88 -19.43 -25.49
N GLN B 188 15.15 -20.73 -25.60
CA GLN B 188 16.55 -21.27 -25.64
C GLN B 188 17.29 -20.72 -26.87
N TYR B 189 16.58 -20.24 -27.89
CA TYR B 189 17.20 -19.75 -29.15
C TYR B 189 17.53 -18.24 -29.06
N ALA B 190 17.13 -17.55 -27.99
CA ALA B 190 17.33 -16.08 -27.88
C ALA B 190 18.79 -15.78 -27.63
N PRO B 191 19.28 -14.58 -28.03
CA PRO B 191 20.67 -14.21 -27.79
C PRO B 191 21.07 -14.35 -26.33
N GLY B 192 22.16 -15.08 -26.07
CA GLY B 192 22.73 -15.28 -24.71
C GLY B 192 21.99 -16.34 -23.89
N TYR B 193 20.96 -17.00 -24.42
CA TYR B 193 20.14 -17.97 -23.65
C TYR B 193 20.42 -19.42 -24.08
N ASP B 194 21.35 -19.63 -25.02
CA ASP B 194 21.60 -20.93 -25.69
C ASP B 194 22.22 -21.93 -24.69
N LYS B 195 22.82 -21.46 -23.60
CA LYS B 195 23.53 -22.34 -22.63
C LYS B 195 22.75 -22.40 -21.32
N VAL B 196 21.50 -21.95 -21.30
CA VAL B 196 20.64 -21.98 -20.08
C VAL B 196 20.09 -23.41 -19.94
N LYS B 197 20.35 -24.04 -18.80
CA LYS B 197 19.92 -25.43 -18.51
C LYS B 197 18.42 -25.46 -18.22
N ASP B 198 17.97 -24.48 -17.42
CA ASP B 198 16.59 -24.38 -16.89
C ASP B 198 15.92 -23.14 -17.49
N ILE B 199 15.05 -23.31 -18.49
CA ILE B 199 14.40 -22.19 -19.21
C ILE B 199 13.59 -21.30 -18.25
N SER B 200 13.15 -21.86 -17.12
CA SER B 200 12.37 -21.08 -16.12
C SER B 200 13.26 -19.97 -15.53
N GLU B 201 14.58 -20.03 -15.71
CA GLU B 201 15.51 -18.96 -15.25
C GLU B 201 15.37 -17.70 -16.11
N VAL B 202 14.90 -17.81 -17.36
CA VAL B 202 14.76 -16.62 -18.26
C VAL B 202 13.27 -16.37 -18.56
N VAL B 203 12.44 -17.42 -18.58
CA VAL B 203 10.97 -17.28 -18.79
C VAL B 203 10.29 -17.49 -17.43
N THR B 204 10.02 -16.39 -16.74
CA THR B 204 9.42 -16.37 -15.39
C THR B 204 7.91 -16.40 -15.49
N PRO B 205 7.19 -16.58 -14.34
CA PRO B 205 5.74 -16.48 -14.36
C PRO B 205 5.19 -15.09 -14.74
N ARG B 206 6.07 -14.09 -14.88
CA ARG B 206 5.63 -12.75 -15.30
C ARG B 206 5.33 -12.68 -16.81
N PHE B 207 5.67 -13.71 -17.59
CA PHE B 207 5.61 -13.59 -19.08
C PHE B 207 4.43 -14.34 -19.69
N LEU B 208 3.86 -13.68 -20.70
CA LEU B 208 3.00 -14.25 -21.76
C LEU B 208 3.87 -14.44 -22.99
N CYS B 209 3.52 -15.43 -23.82
CA CYS B 209 4.32 -15.88 -24.98
C CYS B 209 3.43 -15.82 -26.23
N THR B 210 3.88 -15.11 -27.27
CA THR B 210 3.24 -15.08 -28.59
C THR B 210 4.26 -15.47 -29.66
N GLY B 211 3.85 -15.45 -30.92
CA GLY B 211 4.79 -15.73 -32.03
C GLY B 211 4.82 -17.20 -32.38
N GLY B 212 5.59 -17.50 -33.43
CA GLY B 212 5.71 -18.85 -33.98
C GLY B 212 4.68 -19.08 -35.06
N VAL B 213 4.57 -20.33 -35.47
CA VAL B 213 3.62 -20.76 -36.55
C VAL B 213 2.57 -21.70 -35.96
N SER B 214 2.58 -21.93 -34.65
CA SER B 214 1.62 -22.83 -33.97
C SER B 214 0.87 -22.06 -32.90
N PRO B 215 -0.49 -22.05 -32.91
CA PRO B 215 -1.29 -22.78 -33.90
C PRO B 215 -1.43 -22.08 -35.27
N TYR B 216 -1.13 -20.79 -35.32
CA TYR B 216 -1.24 -19.94 -36.52
C TYR B 216 0.08 -19.18 -36.75
N ALA B 217 0.25 -18.68 -37.96
CA ALA B 217 1.44 -17.91 -38.38
C ALA B 217 1.38 -16.50 -37.79
N ASP B 218 2.02 -16.30 -36.65
CA ASP B 218 2.01 -15.00 -35.93
C ASP B 218 3.08 -14.09 -36.53
N PRO B 219 2.78 -12.79 -36.64
CA PRO B 219 3.82 -11.78 -36.83
C PRO B 219 4.62 -11.59 -35.54
N ASN B 220 5.76 -10.91 -35.66
CA ASN B 220 6.73 -10.72 -34.56
C ASN B 220 6.85 -9.23 -34.26
N THR B 221 7.16 -8.92 -33.01
CA THR B 221 7.48 -7.54 -32.58
C THR B 221 8.87 -7.18 -33.11
N CYS B 222 9.05 -5.90 -33.39
CA CYS B 222 10.35 -5.27 -33.67
C CYS B 222 10.87 -4.69 -32.36
N ARG B 223 12.16 -4.42 -32.25
CA ARG B 223 12.75 -3.82 -31.02
C ARG B 223 12.01 -2.51 -30.72
N GLY B 224 11.69 -1.72 -31.76
CA GLY B 224 11.00 -0.42 -31.63
C GLY B 224 9.59 -0.57 -31.07
N ASP B 225 9.03 -1.78 -31.08
CA ASP B 225 7.67 -2.05 -30.55
C ASP B 225 7.74 -2.30 -29.04
N SER B 226 8.91 -2.54 -28.47
CA SER B 226 9.09 -2.81 -27.02
C SER B 226 8.36 -1.74 -26.20
N GLY B 227 7.70 -2.16 -25.12
CA GLY B 227 6.98 -1.26 -24.21
C GLY B 227 5.54 -1.06 -24.62
N GLY B 228 5.20 -1.36 -25.87
CA GLY B 228 3.84 -1.20 -26.38
C GLY B 228 2.89 -2.20 -25.73
N PRO B 229 1.58 -1.91 -25.73
CA PRO B 229 0.60 -2.80 -25.12
C PRO B 229 0.34 -4.05 -25.98
N LEU B 230 0.21 -5.17 -25.28
CA LEU B 230 -0.40 -6.40 -25.80
C LEU B 230 -1.86 -6.39 -25.34
N ILE B 231 -2.77 -6.46 -26.29
CA ILE B 231 -4.20 -6.07 -26.12
C ILE B 231 -5.10 -7.23 -26.47
N VAL B 232 -6.18 -7.38 -25.68
CA VAL B 232 -7.33 -8.25 -26.01
C VAL B 232 -8.50 -7.35 -26.40
N HIS B 233 -9.06 -7.64 -27.56
CA HIS B 233 -10.24 -6.96 -28.15
C HIS B 233 -11.47 -7.80 -27.83
N LYS B 234 -12.29 -7.35 -26.88
CA LYS B 234 -13.49 -8.11 -26.43
C LYS B 234 -14.66 -7.12 -26.26
N ARG B 235 -15.87 -7.51 -26.70
CA ARG B 235 -17.09 -6.68 -26.57
C ARG B 235 -16.83 -5.27 -27.12
N SER B 236 -16.12 -5.16 -28.26
CA SER B 236 -15.83 -3.90 -28.99
C SER B 236 -14.98 -2.94 -28.12
N ARG B 237 -14.24 -3.49 -27.16
CA ARG B 237 -13.38 -2.67 -26.27
C ARG B 237 -11.99 -3.30 -26.24
N PHE B 238 -11.01 -2.51 -25.81
CA PHE B 238 -9.58 -2.89 -25.87
C PHE B 238 -9.02 -2.89 -24.45
N ILE B 239 -8.56 -4.05 -24.02
CA ILE B 239 -8.04 -4.30 -22.65
C ILE B 239 -6.55 -4.61 -22.76
N GLN B 240 -5.69 -3.87 -22.07
CA GLN B 240 -4.24 -4.17 -22.08
C GLN B 240 -4.00 -5.34 -21.13
N VAL B 241 -3.44 -6.44 -21.63
CA VAL B 241 -3.09 -7.60 -20.76
C VAL B 241 -1.56 -7.71 -20.58
N GLY B 242 -0.77 -7.05 -21.43
CA GLY B 242 0.69 -7.21 -21.39
C GLY B 242 1.45 -6.00 -21.86
N VAL B 243 2.74 -5.97 -21.55
CA VAL B 243 3.71 -4.98 -22.08
C VAL B 243 4.73 -5.78 -22.89
N ILE B 244 4.93 -5.38 -24.14
CA ILE B 244 5.92 -6.08 -25.01
C ILE B 244 7.30 -5.93 -24.39
N SER B 245 8.00 -7.05 -24.18
CA SER B 245 9.30 -7.05 -23.46
C SER B 245 10.45 -7.51 -24.37
N TRP B 246 10.43 -8.73 -24.88
CA TRP B 246 11.60 -9.23 -25.64
C TRP B 246 11.22 -10.31 -26.65
N GLY B 247 12.04 -10.43 -27.69
CA GLY B 247 11.88 -11.44 -28.73
C GLY B 247 13.03 -12.43 -28.74
N VAL B 248 12.82 -13.57 -29.39
CA VAL B 248 13.83 -14.65 -29.55
C VAL B 248 14.70 -14.32 -30.75
N VAL B 249 14.07 -13.80 -31.81
CA VAL B 249 14.71 -13.52 -33.13
C VAL B 249 14.38 -12.08 -33.50
N ASP B 250 15.38 -11.33 -33.96
CA ASP B 250 15.17 -9.96 -34.49
C ASP B 250 14.83 -10.08 -35.96
N VAL B 251 13.53 -10.22 -36.27
CA VAL B 251 13.03 -10.48 -37.65
C VAL B 251 12.94 -9.14 -38.41
N CYS B 252 13.01 -7.98 -37.75
CA CYS B 252 12.77 -6.66 -38.38
C CYS B 252 14.09 -5.98 -38.77
N VAL B 261 11.15 -16.79 -41.75
CA VAL B 261 11.12 -16.55 -40.27
C VAL B 261 11.09 -17.92 -39.58
N PRO B 262 11.99 -18.21 -38.62
CA PRO B 262 11.97 -19.49 -37.91
C PRO B 262 10.69 -19.69 -37.08
N ALA B 263 10.22 -20.94 -36.98
CA ALA B 263 9.11 -21.36 -36.08
C ALA B 263 9.39 -20.92 -34.64
N HIS B 264 10.67 -20.77 -34.26
CA HIS B 264 11.04 -20.47 -32.86
C HIS B 264 11.06 -18.97 -32.59
N ALA B 265 10.60 -18.13 -33.53
CA ALA B 265 10.51 -16.66 -33.33
C ALA B 265 9.34 -16.31 -32.42
N ARG B 266 9.54 -16.40 -31.10
CA ARG B 266 8.50 -16.08 -30.11
C ARG B 266 8.75 -14.66 -29.58
N ASP B 267 7.72 -14.09 -28.99
CA ASP B 267 7.78 -12.77 -28.30
C ASP B 267 7.22 -12.97 -26.89
N PHE B 268 7.87 -12.33 -25.94
CA PHE B 268 7.53 -12.39 -24.50
C PHE B 268 7.09 -11.01 -24.04
N HIS B 269 6.05 -11.03 -23.22
CA HIS B 269 5.32 -9.84 -22.75
C HIS B 269 5.13 -9.94 -21.25
N ILE B 270 5.31 -8.84 -20.53
CA ILE B 270 4.99 -8.83 -19.07
C ILE B 270 3.47 -8.86 -18.91
N ASN B 271 3.00 -9.90 -18.22
CA ASN B 271 1.58 -10.12 -17.88
C ASN B 271 1.18 -9.12 -16.81
N LEU B 272 0.27 -8.20 -17.11
CA LEU B 272 -0.06 -7.12 -16.14
C LEU B 272 -0.81 -7.70 -14.95
N PHE B 273 -1.41 -8.89 -15.08
CA PHE B 273 -2.04 -9.57 -13.92
C PHE B 273 -0.98 -9.98 -12.91
N GLN B 274 0.31 -9.97 -13.29
CA GLN B 274 1.43 -10.44 -12.42
C GLN B 274 2.20 -9.26 -11.81
N VAL B 275 1.81 -8.00 -12.08
CA VAL B 275 2.47 -6.79 -11.50
C VAL B 275 1.41 -5.86 -10.92
N LEU B 276 0.30 -6.41 -10.44
CA LEU B 276 -0.84 -5.59 -9.92
C LEU B 276 -0.47 -4.82 -8.66
N PRO B 277 0.23 -5.38 -7.64
CA PRO B 277 0.58 -4.58 -6.46
C PRO B 277 1.29 -3.28 -6.86
N TRP B 278 2.23 -3.37 -7.81
CA TRP B 278 3.00 -2.19 -8.28
C TRP B 278 2.07 -1.22 -9.04
N LEU B 279 1.28 -1.73 -9.99
CA LEU B 279 0.34 -0.85 -10.75
C LEU B 279 -0.58 -0.13 -9.76
N LYS B 280 -1.19 -0.87 -8.83
CA LYS B 280 -2.18 -0.33 -7.88
C LYS B 280 -1.54 0.77 -7.04
N GLU B 281 -0.31 0.55 -6.57
CA GLU B 281 0.38 1.55 -5.71
C GLU B 281 0.68 2.79 -6.56
N LYS B 282 1.29 2.63 -7.73
CA LYS B 282 1.75 3.82 -8.51
C LYS B 282 0.54 4.58 -9.09
N LEU B 283 -0.56 3.89 -9.40
CA LEU B 283 -1.75 4.51 -10.05
C LEU B 283 -2.88 4.73 -9.04
N GLN B 284 -2.59 4.69 -7.74
CA GLN B 284 -3.64 4.73 -6.67
C GLN B 284 -4.47 6.01 -6.75
N ASP B 285 -3.91 7.13 -7.24
CA ASP B 285 -4.62 8.43 -7.29
C ASP B 285 -5.21 8.72 -8.67
N GLU B 286 -5.21 7.74 -9.58
CA GLU B 286 -5.58 7.97 -11.00
C GLU B 286 -7.05 7.66 -11.28
N ASP B 287 -7.86 7.39 -10.25
CA ASP B 287 -9.33 7.19 -10.39
C ASP B 287 -9.61 6.03 -11.35
N LEU B 288 -8.82 4.95 -11.29
CA LEU B 288 -9.04 3.78 -12.18
C LEU B 288 -9.92 2.71 -11.51
N GLY B 289 -10.18 2.82 -10.21
CA GLY B 289 -11.07 1.87 -9.51
C GLY B 289 -10.52 0.44 -9.56
N PHE B 290 -9.29 0.26 -9.08
CA PHE B 290 -8.72 -1.09 -8.92
C PHE B 290 -9.65 -1.89 -8.00
N LEU B 291 -9.85 -3.16 -8.36
CA LEU B 291 -10.77 -4.07 -7.65
C LEU B 291 -10.09 -4.57 -6.37
N LEU C 2 -13.31 15.03 9.44
CA LEU C 2 -13.49 13.66 9.97
C LEU C 2 -14.90 13.52 10.55
N SER C 3 -15.71 12.61 10.02
CA SER C 3 -17.08 12.32 10.52
C SER C 3 -17.00 11.76 11.94
N LEU C 4 -17.98 12.14 12.77
CA LEU C 4 -18.24 11.53 14.09
C LEU C 4 -18.90 10.16 13.84
N CYS C 5 -18.20 9.08 14.14
CA CYS C 5 -18.70 7.70 13.86
C CYS C 5 -19.33 7.08 15.11
N GLY C 6 -20.19 6.08 14.92
CA GLY C 6 -20.68 5.22 16.01
C GLY C 6 -21.51 5.98 17.02
N MET C 7 -22.20 7.05 16.63
CA MET C 7 -23.06 7.85 17.53
C MET C 7 -24.52 7.72 17.07
N VAL C 8 -25.42 7.47 18.02
CA VAL C 8 -26.89 7.38 17.82
C VAL C 8 -27.47 8.63 18.46
N TRP C 9 -28.27 9.43 17.74
CA TRP C 9 -28.97 10.64 18.30
C TRP C 9 -30.46 10.34 18.51
N ASP C 16 -36.46 2.83 14.20
CA ASP C 16 -35.46 1.88 14.76
C ASP C 16 -34.15 1.91 13.93
N TYR C 17 -34.13 2.48 12.72
CA TYR C 17 -32.87 2.90 12.06
C TYR C 17 -32.35 4.18 12.74
N HIS C 18 -33.20 4.88 13.47
CA HIS C 18 -32.76 5.92 14.43
C HIS C 18 -31.76 5.31 15.41
N LYS C 19 -32.00 4.07 15.89
CA LYS C 19 -31.18 3.45 16.97
C LYS C 19 -30.00 2.65 16.40
N GLN C 20 -30.05 2.25 15.12
CA GLN C 20 -28.93 1.52 14.44
C GLN C 20 -28.70 2.16 13.07
N PRO C 21 -28.31 3.45 13.03
CA PRO C 21 -28.29 4.22 11.78
C PRO C 21 -27.21 3.78 10.78
N TRP C 22 -26.28 2.93 11.22
CA TRP C 22 -25.24 2.33 10.34
C TRP C 22 -25.79 1.12 9.60
N GLN C 23 -26.92 0.56 10.02
CA GLN C 23 -27.30 -0.80 9.55
C GLN C 23 -27.76 -0.72 8.09
N ALA C 24 -27.27 -1.64 7.25
CA ALA C 24 -27.67 -1.78 5.84
C ALA C 24 -28.33 -3.13 5.63
N LYS C 25 -29.39 -3.17 4.83
CA LYS C 25 -30.12 -4.41 4.47
C LYS C 25 -29.74 -4.75 3.02
N ILE C 26 -29.35 -6.00 2.80
CA ILE C 26 -28.94 -6.51 1.47
C ILE C 26 -29.85 -7.69 1.09
N SER C 27 -30.36 -7.65 -0.15
CA SER C 27 -31.07 -8.78 -0.80
C SER C 27 -30.39 -9.06 -2.14
N VAL C 28 -30.22 -10.33 -2.47
CA VAL C 28 -29.65 -10.75 -3.78
C VAL C 28 -30.64 -11.76 -4.38
N ILE C 29 -31.11 -11.47 -5.61
CA ILE C 29 -32.24 -12.21 -6.24
C ILE C 29 -31.67 -13.04 -7.38
N GLY C 34 -34.91 -16.83 -5.88
CA GLY C 34 -35.24 -16.89 -4.45
C GLY C 34 -34.26 -16.10 -3.61
N HIS C 35 -34.74 -15.05 -2.93
CA HIS C 35 -33.93 -13.96 -2.34
C HIS C 35 -33.04 -14.51 -1.21
N GLU C 36 -31.73 -14.29 -1.28
CA GLU C 36 -30.82 -14.46 -0.10
C GLU C 36 -30.71 -13.10 0.59
N SER C 37 -30.65 -13.08 1.91
CA SER C 37 -30.64 -11.84 2.72
C SER C 37 -29.31 -11.75 3.46
N CYS C 38 -28.82 -10.53 3.60
CA CYS C 38 -27.64 -10.23 4.43
C CYS C 38 -27.82 -8.84 5.01
N MET C 39 -26.94 -8.50 5.95
CA MET C 39 -26.82 -7.12 6.48
C MET C 39 -25.42 -6.60 6.20
N GLY C 40 -25.24 -5.32 6.47
CA GLY C 40 -23.95 -4.64 6.36
C GLY C 40 -23.94 -3.43 7.26
N ALA C 41 -22.86 -2.66 7.18
CA ALA C 41 -22.70 -1.44 7.99
C ALA C 41 -22.17 -0.34 7.08
N VAL C 42 -22.78 0.82 7.17
CA VAL C 42 -22.24 2.07 6.57
C VAL C 42 -20.91 2.37 7.27
N VAL C 43 -19.82 2.48 6.49
CA VAL C 43 -18.48 2.81 7.08
C VAL C 43 -17.95 4.12 6.51
N SER C 44 -18.55 4.65 5.44
CA SER C 44 -18.19 5.97 4.87
C SER C 44 -19.34 6.41 3.96
N GLU C 45 -19.24 7.60 3.37
CA GLU C 45 -20.32 8.17 2.56
C GLU C 45 -20.55 7.33 1.30
N TYR C 46 -19.58 6.50 0.89
CA TYR C 46 -19.68 5.70 -0.36
C TYR C 46 -19.58 4.20 -0.12
N PHE C 47 -19.46 3.73 1.13
CA PHE C 47 -19.14 2.30 1.37
C PHE C 47 -20.01 1.66 2.46
N VAL C 48 -20.47 0.46 2.14
CA VAL C 48 -21.12 -0.49 3.07
C VAL C 48 -20.25 -1.74 3.17
N LEU C 49 -19.85 -2.08 4.39
CA LEU C 49 -19.03 -3.28 4.68
C LEU C 49 -19.98 -4.44 4.98
N THR C 50 -19.70 -5.60 4.39
CA THR C 50 -20.54 -6.81 4.52
C THR C 50 -19.66 -8.06 4.36
N ALA C 51 -20.29 -9.23 4.26
CA ALA C 51 -19.61 -10.52 4.07
C ALA C 51 -19.56 -10.86 2.58
N ALA C 52 -18.43 -11.39 2.14
CA ALA C 52 -18.22 -11.83 0.74
C ALA C 52 -19.23 -12.92 0.34
N HIS C 53 -19.58 -13.83 1.26
CA HIS C 53 -20.39 -15.02 0.91
C HIS C 53 -21.84 -14.61 0.57
N CYS C 54 -22.22 -13.36 0.83
CA CYS C 54 -23.57 -12.81 0.52
C CYS C 54 -23.80 -12.72 -1.00
N PHE C 55 -22.74 -12.78 -1.80
CA PHE C 55 -22.82 -12.56 -3.28
C PHE C 55 -22.59 -13.86 -4.05
N SER C 63 -30.43 -7.02 -9.46
CA SER C 63 -29.93 -8.27 -8.80
C SER C 63 -29.64 -8.02 -7.32
N ILE C 64 -28.77 -7.07 -7.02
CA ILE C 64 -28.35 -6.74 -5.63
C ILE C 64 -29.14 -5.51 -5.17
N LYS C 65 -29.86 -5.63 -4.07
CA LYS C 65 -30.63 -4.53 -3.45
C LYS C 65 -29.95 -4.19 -2.12
N VAL C 66 -29.52 -2.94 -1.97
CA VAL C 66 -28.95 -2.43 -0.69
C VAL C 66 -29.77 -1.22 -0.27
N SER C 67 -30.21 -1.21 0.98
CA SER C 67 -31.00 -0.10 1.58
C SER C 67 -30.40 0.28 2.93
N VAL C 68 -30.45 1.56 3.23
CA VAL C 68 -30.03 2.15 4.52
C VAL C 68 -31.20 2.98 5.06
N GLY C 69 -31.13 3.35 6.34
CA GLY C 69 -32.06 4.30 6.98
C GLY C 69 -33.49 3.78 6.99
N GLY C 70 -33.69 2.47 6.80
CA GLY C 70 -35.02 1.83 6.66
C GLY C 70 -35.78 2.32 5.43
N GLU C 71 -35.05 2.84 4.43
CA GLU C 71 -35.65 3.38 3.23
C GLU C 71 -36.20 2.25 2.36
N LYS C 72 -37.23 2.51 1.57
CA LYS C 72 -37.75 1.60 0.52
C LYS C 72 -36.73 1.55 -0.63
N ARG C 73 -36.08 2.68 -0.91
CA ARG C 73 -35.13 2.89 -2.03
C ARG C 73 -33.98 1.87 -1.97
N ASP C 74 -33.64 1.30 -3.13
CA ASP C 74 -32.42 0.48 -3.35
C ASP C 74 -31.35 1.40 -3.95
N LEU C 75 -30.18 1.45 -3.33
CA LEU C 75 -29.10 2.40 -3.72
C LEU C 75 -28.37 1.85 -4.96
N GLU C 76 -27.98 2.75 -5.87
CA GLU C 76 -27.19 2.39 -7.07
C GLU C 76 -25.80 1.93 -6.58
N ILE C 77 -25.42 0.74 -7.02
CA ILE C 77 -24.10 0.12 -6.69
C ILE C 77 -23.13 0.40 -7.84
N GLU C 78 -21.95 0.88 -7.50
CA GLU C 78 -20.86 1.11 -8.48
C GLU C 78 -20.08 -0.19 -8.68
N VAL C 79 -19.66 -0.81 -7.57
CA VAL C 79 -18.81 -2.03 -7.60
C VAL C 79 -18.92 -2.71 -6.24
N VAL C 80 -18.76 -4.02 -6.23
CA VAL C 80 -18.58 -4.78 -4.96
C VAL C 80 -17.15 -5.32 -4.97
N LEU C 81 -16.39 -4.96 -3.94
CA LEU C 81 -14.97 -5.35 -3.78
C LEU C 81 -14.89 -6.50 -2.79
N PHE C 82 -14.12 -7.52 -3.15
CA PHE C 82 -13.98 -8.76 -2.35
C PHE C 82 -12.54 -8.84 -1.83
N HIS C 83 -12.40 -9.29 -0.61
CA HIS C 83 -11.05 -9.57 -0.05
C HIS C 83 -10.36 -10.51 -1.02
N PRO C 84 -9.12 -10.19 -1.47
CA PRO C 84 -8.44 -11.01 -2.47
C PRO C 84 -8.17 -12.45 -2.03
N ASN C 85 -8.16 -12.73 -0.72
CA ASN C 85 -7.81 -14.06 -0.17
C ASN C 85 -9.09 -14.88 0.06
N TYR C 86 -10.27 -14.30 -0.17
CA TYR C 86 -11.56 -15.01 0.01
C TYR C 86 -11.73 -16.02 -1.12
N ASN C 87 -12.05 -17.26 -0.76
CA ASN C 87 -12.43 -18.31 -1.73
C ASN C 87 -13.24 -19.38 -0.98
N ILE C 88 -14.55 -19.34 -1.10
CA ILE C 88 -15.46 -20.25 -0.35
C ILE C 88 -15.13 -21.71 -0.76
N ASN C 89 -14.60 -21.91 -1.96
CA ASN C 89 -14.27 -23.25 -2.52
C ASN C 89 -12.82 -23.65 -2.24
N GLY C 90 -12.08 -22.85 -1.46
CA GLY C 90 -10.61 -22.93 -1.39
C GLY C 90 -10.10 -24.25 -0.82
N LYS C 91 -10.90 -24.96 -0.03
CA LYS C 91 -10.45 -26.23 0.61
C LYS C 91 -11.39 -27.39 0.26
N LYS C 92 -12.11 -27.27 -0.86
CA LYS C 92 -13.00 -28.36 -1.35
C LYS C 92 -12.18 -29.65 -1.52
N GLU C 93 -10.96 -29.56 -2.09
CA GLU C 93 -9.98 -30.66 -2.28
C GLU C 93 -9.83 -31.48 -0.99
N ALA C 94 -9.73 -30.76 0.13
CA ALA C 94 -9.44 -31.30 1.48
C ALA C 94 -10.74 -31.72 2.18
N GLY C 95 -11.89 -31.68 1.48
CA GLY C 95 -13.19 -32.16 2.01
C GLY C 95 -13.87 -31.13 2.89
N ILE C 96 -13.50 -29.85 2.74
CA ILE C 96 -14.19 -28.72 3.43
C ILE C 96 -15.05 -28.02 2.38
N PRO C 97 -16.39 -28.24 2.38
CA PRO C 97 -17.25 -27.68 1.34
C PRO C 97 -17.25 -26.15 1.24
N GLU C 98 -17.24 -25.47 2.39
CA GLU C 98 -17.29 -23.98 2.47
C GLU C 98 -16.20 -23.51 3.42
N PHE C 99 -15.35 -22.61 2.96
CA PHE C 99 -14.20 -22.04 3.69
C PHE C 99 -14.39 -20.53 3.77
N TYR C 100 -14.64 -20.03 4.97
CA TYR C 100 -15.10 -18.65 5.20
C TYR C 100 -13.92 -17.72 5.51
N ASP C 101 -12.68 -18.13 5.31
CA ASP C 101 -11.53 -17.23 5.59
C ASP C 101 -11.73 -15.94 4.78
N TYR C 102 -11.41 -14.78 5.37
CA TYR C 102 -11.40 -13.47 4.67
C TYR C 102 -12.78 -13.15 4.06
N ASP C 103 -13.86 -13.52 4.76
CA ASP C 103 -15.25 -13.34 4.29
C ASP C 103 -15.71 -11.88 4.47
N VAL C 104 -15.07 -10.95 3.77
CA VAL C 104 -15.46 -9.52 3.80
C VAL C 104 -15.51 -8.96 2.38
N ALA C 105 -16.46 -8.05 2.18
CA ALA C 105 -16.70 -7.35 0.91
C ALA C 105 -17.12 -5.92 1.22
N LEU C 106 -16.79 -5.02 0.31
CA LEU C 106 -17.19 -3.60 0.39
C LEU C 106 -18.06 -3.26 -0.80
N ILE C 107 -19.28 -2.82 -0.53
CA ILE C 107 -20.21 -2.28 -1.56
C ILE C 107 -19.87 -0.81 -1.73
N LYS C 108 -19.38 -0.42 -2.90
CA LYS C 108 -19.14 0.99 -3.25
C LYS C 108 -20.41 1.52 -3.92
N LEU C 109 -20.99 2.55 -3.31
CA LEU C 109 -22.20 3.23 -3.81
C LEU C 109 -21.82 4.26 -4.87
N LYS C 110 -22.63 4.40 -5.92
CA LYS C 110 -22.43 5.44 -6.97
C LYS C 110 -22.60 6.83 -6.35
N ASN C 111 -23.57 6.98 -5.44
CA ASN C 111 -23.99 8.31 -4.93
C ASN C 111 -23.58 8.44 -3.46
N LYS C 112 -23.16 9.64 -3.09
CA LYS C 112 -22.73 9.98 -1.72
C LYS C 112 -23.93 9.87 -0.79
N LEU C 113 -23.80 9.11 0.29
CA LEU C 113 -24.84 9.04 1.35
C LEU C 113 -24.91 10.41 2.04
N LYS C 114 -26.11 10.89 2.29
CA LYS C 114 -26.36 12.09 3.13
C LYS C 114 -26.58 11.60 4.57
N TYR C 115 -25.59 11.82 5.44
CA TYR C 115 -25.70 11.46 6.87
C TYR C 115 -26.81 12.30 7.52
N GLY C 116 -27.49 11.69 8.48
CA GLY C 116 -28.59 12.35 9.22
C GLY C 116 -28.98 11.49 10.39
N GLN C 117 -30.22 11.65 10.86
CA GLN C 117 -30.74 10.94 12.05
C GLN C 117 -30.80 9.44 11.78
N THR C 118 -31.03 9.01 10.54
CA THR C 118 -31.29 7.59 10.20
C THR C 118 -30.13 6.94 9.46
N ILE C 119 -29.11 7.71 9.06
CA ILE C 119 -27.97 7.16 8.28
C ILE C 119 -26.69 7.76 8.85
N ARG C 120 -25.88 6.92 9.49
N ARG C 120 -25.89 6.96 9.56
CA ARG C 120 -24.61 7.34 10.13
CA ARG C 120 -24.59 7.40 10.13
C ARG C 120 -23.59 6.23 9.96
C ARG C 120 -23.59 6.26 10.00
N PRO C 121 -22.29 6.57 9.92
CA PRO C 121 -21.25 5.55 9.82
C PRO C 121 -20.95 4.97 11.21
N ILE C 122 -20.64 3.68 11.24
CA ILE C 122 -20.08 3.01 12.44
C ILE C 122 -18.56 3.21 12.41
N CYS C 123 -17.93 3.23 13.60
CA CYS C 123 -16.45 3.36 13.69
C CYS C 123 -15.79 2.05 13.28
N LEU C 124 -14.65 2.16 12.59
CA LEU C 124 -13.79 1.00 12.24
C LEU C 124 -12.57 0.99 13.14
N PRO C 125 -11.98 -0.19 13.35
CA PRO C 125 -10.74 -0.32 14.11
C PRO C 125 -9.58 0.47 13.50
N CYS C 126 -8.71 0.97 14.37
CA CYS C 126 -7.42 1.60 14.01
C CYS C 126 -7.69 2.84 13.13
N THR C 127 -8.65 3.64 13.56
CA THR C 127 -9.00 4.93 12.93
C THR C 127 -9.00 6.06 13.96
N GLU C 128 -8.78 7.28 13.49
CA GLU C 128 -9.00 8.50 14.32
C GLU C 128 -10.46 8.54 14.79
N GLY C 129 -11.41 8.07 13.98
CA GLY C 129 -12.83 8.04 14.37
C GLY C 129 -13.03 7.30 15.67
N THR C 130 -12.42 6.12 15.80
CA THR C 130 -12.52 5.27 17.01
C THR C 130 -11.83 5.97 18.18
N THR C 131 -10.64 6.56 17.97
CA THR C 131 -9.95 7.31 19.04
C THR C 131 -10.89 8.37 19.60
N ARG C 132 -11.54 9.15 18.73
CA ARG C 132 -12.42 10.26 19.15
C ARG C 132 -13.67 9.69 19.84
N ALA C 133 -14.30 8.64 19.28
CA ALA C 133 -15.52 8.02 19.87
C ALA C 133 -15.22 7.54 21.29
N LEU C 134 -14.02 6.99 21.53
CA LEU C 134 -13.63 6.43 22.84
C LEU C 134 -12.97 7.49 23.73
N ARG C 135 -12.90 8.74 23.27
CA ARG C 135 -12.32 9.88 24.05
C ARG C 135 -10.91 9.50 24.52
N LEU C 136 -10.12 8.91 23.62
CA LEU C 136 -8.74 8.47 23.88
C LEU C 136 -7.78 9.54 23.37
N PRO C 137 -6.54 9.57 23.88
CA PRO C 137 -5.59 10.61 23.51
C PRO C 137 -5.09 10.44 22.07
N PRO C 138 -4.56 11.53 21.47
CA PRO C 138 -4.18 11.54 20.07
C PRO C 138 -2.99 10.63 19.74
N THR C 139 -2.27 10.15 20.76
CA THR C 139 -1.15 9.18 20.61
C THR C 139 -1.67 7.74 20.59
N THR C 140 -2.98 7.54 20.63
CA THR C 140 -3.55 6.16 20.65
C THR C 140 -3.13 5.44 19.37
N THR C 141 -2.55 4.25 19.49
CA THR C 141 -2.11 3.42 18.36
C THR C 141 -3.17 2.38 18.02
N CYS C 142 -2.98 1.70 16.89
CA CYS C 142 -3.82 0.56 16.46
C CYS C 142 -3.74 -0.54 17.54
N GLN C 143 -2.55 -0.86 18.03
CA GLN C 143 -2.36 -1.93 19.05
C GLN C 143 -3.10 -1.51 20.32
N GLN C 144 -3.04 -0.24 20.71
CA GLN C 144 -3.75 0.24 21.93
C GLN C 144 -5.27 0.13 21.73
N GLN C 145 -5.80 0.44 20.56
CA GLN C 145 -7.26 0.26 20.29
C GLN C 145 -7.59 -1.22 20.39
N LYS C 146 -6.72 -2.10 19.89
CA LYS C 146 -6.96 -3.57 19.97
C LYS C 146 -7.00 -4.01 21.44
N GLU C 147 -6.11 -3.51 22.28
CA GLU C 147 -6.04 -3.89 23.72
C GLU C 147 -7.29 -3.37 24.44
N GLU C 148 -7.81 -2.21 24.02
CA GLU C 148 -9.02 -1.58 24.62
C GLU C 148 -10.27 -2.37 24.20
N LEU C 149 -10.39 -2.70 22.91
CA LEU C 149 -11.66 -3.24 22.34
C LEU C 149 -11.66 -4.77 22.41
N LEU C 150 -10.53 -5.43 22.17
CA LEU C 150 -10.44 -6.91 22.14
C LEU C 150 -9.37 -7.37 23.13
N PRO C 151 -9.55 -7.10 24.44
CA PRO C 151 -8.64 -7.64 25.44
C PRO C 151 -8.74 -9.17 25.47
N ALA C 152 -7.75 -9.84 26.07
CA ALA C 152 -7.67 -11.32 26.15
C ALA C 152 -8.60 -11.80 27.28
N GLN C 153 -9.90 -11.70 27.05
CA GLN C 153 -10.95 -12.04 28.06
C GLN C 153 -12.27 -12.29 27.32
N ASP C 154 -13.34 -12.56 28.07
CA ASP C 154 -14.72 -12.51 27.52
C ASP C 154 -15.09 -11.05 27.31
N ILE C 155 -15.49 -10.70 26.10
CA ILE C 155 -15.76 -9.28 25.72
C ILE C 155 -17.25 -9.15 25.45
N LYS C 156 -17.93 -8.30 26.22
CA LYS C 156 -19.32 -7.94 25.90
C LYS C 156 -19.37 -7.25 24.53
N ALA C 157 -20.23 -7.74 23.66
CA ALA C 157 -20.41 -7.23 22.29
C ALA C 157 -21.89 -7.31 21.91
N LEU C 158 -22.24 -6.88 20.71
CA LEU C 158 -23.62 -7.04 20.22
C LEU C 158 -23.62 -7.19 18.71
N PHE C 159 -24.69 -7.79 18.21
CA PHE C 159 -25.05 -7.68 16.78
C PHE C 159 -26.49 -7.24 16.70
N VAL C 160 -26.92 -6.91 15.50
CA VAL C 160 -28.29 -6.43 15.21
C VAL C 160 -28.95 -7.50 14.35
N SER C 161 -30.09 -7.99 14.80
CA SER C 161 -30.87 -9.01 14.07
C SER C 161 -32.17 -8.34 13.61
N GLU C 162 -32.62 -8.76 12.44
CA GLU C 162 -33.90 -8.28 11.85
C GLU C 162 -34.93 -9.38 12.06
N GLU C 163 -36.03 -9.03 12.72
CA GLU C 163 -37.18 -9.93 12.98
C GLU C 163 -38.45 -9.14 12.61
N GLU C 164 -39.21 -9.61 11.61
CA GLU C 164 -40.51 -9.03 11.22
C GLU C 164 -40.36 -7.51 11.04
N LYS C 165 -39.46 -7.13 10.13
CA LYS C 165 -39.20 -5.76 9.62
C LYS C 165 -38.38 -4.94 10.63
N LYS C 166 -38.15 -5.46 11.85
CA LYS C 166 -37.65 -4.60 12.91
C LYS C 166 -36.26 -5.06 13.37
N LEU C 167 -35.42 -4.08 13.75
CA LEU C 167 -34.03 -4.31 14.19
C LEU C 167 -34.02 -4.46 15.71
N THR C 168 -33.28 -5.46 16.18
CA THR C 168 -33.12 -5.76 17.63
C THR C 168 -31.64 -5.99 17.93
N ARG C 169 -31.16 -5.33 19.00
CA ARG C 169 -29.76 -5.51 19.47
CA ARG C 169 -29.77 -5.51 19.49
C ARG C 169 -29.70 -6.80 20.30
N LYS C 170 -28.69 -7.61 20.04
CA LYS C 170 -28.47 -8.91 20.72
C LYS C 170 -27.10 -8.88 21.36
N GLU C 171 -27.05 -8.97 22.69
CA GLU C 171 -25.79 -8.98 23.47
C GLU C 171 -25.16 -10.37 23.41
N VAL C 172 -23.89 -10.42 23.01
CA VAL C 172 -23.11 -11.67 22.91
C VAL C 172 -21.77 -11.42 23.62
N TYR C 173 -21.01 -12.49 23.82
CA TYR C 173 -19.65 -12.39 24.40
C TYR C 173 -18.67 -13.02 23.43
N ILE C 174 -17.66 -12.23 23.07
CA ILE C 174 -16.50 -12.73 22.27
C ILE C 174 -15.58 -13.47 23.24
N LYS C 175 -15.30 -14.73 22.94
CA LYS C 175 -14.42 -15.57 23.78
C LYS C 175 -12.99 -15.32 23.31
N ASN C 176 -12.29 -14.38 23.93
CA ASN C 176 -10.94 -13.96 23.48
C ASN C 176 -9.89 -14.23 24.54
N GLY C 177 -10.25 -14.93 25.62
CA GLY C 177 -9.33 -15.31 26.70
C GLY C 177 -9.29 -16.81 26.88
N ASP C 178 -9.44 -17.28 28.12
CA ASP C 178 -9.30 -18.72 28.47
C ASP C 178 -10.39 -19.58 27.80
N LYS C 179 -11.48 -18.99 27.29
CA LYS C 179 -12.59 -19.77 26.67
C LYS C 179 -12.49 -19.76 25.14
N LYS C 180 -11.49 -19.09 24.58
CA LYS C 180 -11.33 -18.97 23.10
C LYS C 180 -11.24 -20.38 22.50
N GLY C 181 -10.40 -21.25 23.04
CA GLY C 181 -10.18 -22.61 22.50
C GLY C 181 -11.47 -23.40 22.46
N SER C 182 -12.24 -23.35 23.54
CA SER C 182 -13.53 -24.07 23.68
C SER C 182 -14.49 -23.61 22.58
N CYS C 183 -14.59 -22.31 22.39
CA CYS C 183 -15.46 -21.68 21.39
C CYS C 183 -15.04 -22.16 19.99
N GLU C 184 -13.75 -22.09 19.68
CA GLU C 184 -13.22 -22.47 18.34
C GLU C 184 -13.45 -23.96 18.09
N ARG C 185 -13.22 -24.81 19.10
CA ARG C 185 -13.27 -26.29 18.90
C ARG C 185 -14.69 -26.70 18.47
N ASP C 186 -15.71 -25.93 18.87
CA ASP C 186 -17.14 -26.25 18.58
C ASP C 186 -17.43 -26.08 17.09
N ALA C 187 -16.49 -25.52 16.31
CA ALA C 187 -16.59 -25.50 14.82
C ALA C 187 -16.80 -26.91 14.27
N GLN C 188 -16.35 -27.95 14.98
CA GLN C 188 -16.42 -29.36 14.51
C GLN C 188 -17.88 -29.79 14.29
N TYR C 189 -18.86 -29.10 14.90
CA TYR C 189 -20.29 -29.46 14.79
C TYR C 189 -20.95 -28.78 13.59
N ALA C 190 -20.29 -27.85 12.90
CA ALA C 190 -20.88 -27.08 11.78
C ALA C 190 -21.10 -28.00 10.57
N PRO C 191 -22.09 -27.71 9.71
CA PRO C 191 -22.30 -28.49 8.48
C PRO C 191 -21.03 -28.63 7.65
N GLY C 192 -20.67 -29.88 7.31
CA GLY C 192 -19.52 -30.20 6.45
C GLY C 192 -18.19 -30.17 7.18
N TYR C 193 -18.16 -29.88 8.49
CA TYR C 193 -16.89 -29.74 9.26
C TYR C 193 -16.68 -30.92 10.22
N ASP C 194 -17.59 -31.89 10.21
CA ASP C 194 -17.61 -33.01 11.19
C ASP C 194 -16.40 -33.92 11.00
N LYS C 195 -15.77 -33.92 9.81
CA LYS C 195 -14.65 -34.84 9.48
C LYS C 195 -13.34 -34.05 9.39
N VAL C 196 -13.31 -32.81 9.87
CA VAL C 196 -12.06 -31.98 9.89
C VAL C 196 -11.21 -32.44 11.08
N LYS C 197 -9.97 -32.87 10.83
CA LYS C 197 -9.02 -33.35 11.85
C LYS C 197 -8.45 -32.15 12.64
N ASP C 198 -8.08 -31.10 11.93
CA ASP C 198 -7.38 -29.92 12.49
C ASP C 198 -8.32 -28.71 12.35
N ILE C 199 -8.95 -28.30 13.46
CA ILE C 199 -10.01 -27.25 13.42
C ILE C 199 -9.40 -25.92 12.94
N SER C 200 -8.09 -25.74 13.09
CA SER C 200 -7.37 -24.54 12.57
C SER C 200 -7.53 -24.45 11.03
N GLU C 201 -7.91 -25.53 10.35
CA GLU C 201 -8.17 -25.51 8.88
C GLU C 201 -9.45 -24.75 8.56
N VAL C 202 -10.40 -24.64 9.49
CA VAL C 202 -11.70 -23.93 9.22
C VAL C 202 -11.80 -22.68 10.09
N VAL C 203 -11.20 -22.70 11.29
CA VAL C 203 -11.15 -21.51 12.18
C VAL C 203 -9.74 -20.92 12.11
N THR C 204 -9.56 -19.95 11.24
CA THR C 204 -8.27 -19.26 11.00
C THR C 204 -8.10 -18.12 12.00
N PRO C 205 -6.89 -17.52 12.05
CA PRO C 205 -6.67 -16.33 12.89
C PRO C 205 -7.52 -15.11 12.50
N ARG C 206 -8.26 -15.18 11.39
CA ARG C 206 -9.17 -14.07 10.99
C ARG C 206 -10.44 -14.04 11.82
N PHE C 207 -10.74 -15.07 12.64
CA PHE C 207 -12.07 -15.16 13.28
C PHE C 207 -12.06 -14.82 14.77
N LEU C 208 -13.11 -14.12 15.16
CA LEU C 208 -13.62 -13.99 16.53
C LEU C 208 -14.79 -14.97 16.70
N CYS C 209 -15.01 -15.42 17.93
CA CYS C 209 -15.97 -16.50 18.26
C CYS C 209 -16.92 -16.00 19.34
N THR C 210 -18.23 -16.08 19.09
CA THR C 210 -19.29 -15.78 20.09
C THR C 210 -20.21 -17.00 20.20
N GLY C 211 -21.25 -16.91 21.02
CA GLY C 211 -22.23 -17.99 21.11
C GLY C 211 -21.91 -18.94 22.25
N GLY C 212 -22.80 -19.90 22.49
CA GLY C 212 -22.64 -20.87 23.59
C GLY C 212 -23.23 -20.32 24.88
N VAL C 213 -22.87 -20.92 26.01
CA VAL C 213 -23.59 -20.66 27.30
C VAL C 213 -22.62 -20.15 28.37
N SER C 214 -21.33 -20.04 28.06
CA SER C 214 -20.31 -19.59 29.05
C SER C 214 -19.56 -18.42 28.42
N PRO C 215 -19.46 -17.26 29.10
CA PRO C 215 -19.94 -17.05 30.46
C PRO C 215 -21.45 -16.83 30.61
N TYR C 216 -22.13 -16.47 29.52
CA TYR C 216 -23.59 -16.25 29.51
C TYR C 216 -24.21 -16.96 28.31
N ALA C 217 -25.54 -17.11 28.36
CA ALA C 217 -26.35 -17.71 27.28
C ALA C 217 -26.46 -16.72 26.12
N ASP C 218 -25.61 -16.89 25.11
CA ASP C 218 -25.58 -15.96 23.96
C ASP C 218 -26.68 -16.30 22.98
N PRO C 219 -27.37 -15.30 22.41
CA PRO C 219 -28.17 -15.50 21.22
C PRO C 219 -27.26 -15.79 20.03
N ASN C 220 -27.83 -16.43 19.01
CA ASN C 220 -27.12 -16.84 17.80
C ASN C 220 -27.62 -16.02 16.62
N THR C 221 -26.73 -15.80 15.68
CA THR C 221 -27.06 -15.12 14.40
C THR C 221 -27.90 -16.07 13.56
N CYS C 222 -28.78 -15.48 12.75
CA CYS C 222 -29.53 -16.15 11.67
C CYS C 222 -28.74 -15.96 10.38
N ARG C 223 -29.02 -16.77 9.35
CA ARG C 223 -28.30 -16.64 8.06
C ARG C 223 -28.48 -15.21 7.52
N GLY C 224 -29.68 -14.64 7.69
CA GLY C 224 -30.03 -13.30 7.19
C GLY C 224 -29.25 -12.20 7.90
N ASP C 225 -28.64 -12.51 9.05
CA ASP C 225 -27.80 -11.55 9.82
C ASP C 225 -26.37 -11.52 9.27
N SER C 226 -25.98 -12.48 8.44
CA SER C 226 -24.60 -12.55 7.86
C SER C 226 -24.24 -11.21 7.22
N GLY C 227 -22.98 -10.79 7.39
CA GLY C 227 -22.45 -9.55 6.80
C GLY C 227 -22.66 -8.37 7.72
N GLY C 228 -23.58 -8.47 8.67
CA GLY C 228 -23.82 -7.39 9.64
C GLY C 228 -22.65 -7.21 10.59
N PRO C 229 -22.55 -6.04 11.23
CA PRO C 229 -21.46 -5.77 12.16
C PRO C 229 -21.56 -6.52 13.49
N LEU C 230 -20.40 -6.99 13.96
CA LEU C 230 -20.17 -7.37 15.37
C LEU C 230 -19.57 -6.15 16.04
N ILE C 231 -20.21 -5.69 17.10
CA ILE C 231 -20.02 -4.32 17.65
C ILE C 231 -19.57 -4.41 19.11
N VAL C 232 -18.67 -3.49 19.49
CA VAL C 232 -18.36 -3.19 20.90
C VAL C 232 -18.99 -1.84 21.23
N HIS C 233 -19.82 -1.85 22.27
CA HIS C 233 -20.58 -0.68 22.77
C HIS C 233 -19.81 -0.11 23.95
N LYS C 234 -19.04 0.95 23.73
CA LYS C 234 -18.07 1.48 24.71
C LYS C 234 -18.17 3.01 24.70
N ARG C 235 -18.18 3.62 25.88
CA ARG C 235 -18.31 5.10 26.04
C ARG C 235 -19.57 5.58 25.31
N SER C 236 -20.68 4.79 25.31
CA SER C 236 -21.97 5.14 24.64
C SER C 236 -21.78 5.32 23.12
N ARG C 237 -20.80 4.64 22.56
CA ARG C 237 -20.50 4.69 21.11
C ARG C 237 -20.40 3.25 20.61
N PHE C 238 -20.47 3.09 19.29
CA PHE C 238 -20.56 1.77 18.65
C PHE C 238 -19.36 1.60 17.72
N ILE C 239 -18.48 0.65 18.05
CA ILE C 239 -17.25 0.37 17.28
C ILE C 239 -17.40 -0.99 16.62
N GLN C 240 -17.32 -1.06 15.29
CA GLN C 240 -17.37 -2.36 14.60
C GLN C 240 -16.04 -3.08 14.77
N VAL C 241 -16.04 -4.29 15.35
CA VAL C 241 -14.82 -5.10 15.50
C VAL C 241 -14.85 -6.29 14.55
N GLY C 242 -16.03 -6.64 14.02
CA GLY C 242 -16.16 -7.88 13.22
C GLY C 242 -17.25 -7.79 12.18
N VAL C 243 -17.22 -8.73 11.24
CA VAL C 243 -18.29 -8.94 10.24
C VAL C 243 -18.83 -10.34 10.50
N ILE C 244 -20.13 -10.46 10.72
CA ILE C 244 -20.76 -11.78 10.97
C ILE C 244 -20.52 -12.66 9.73
N SER C 245 -19.95 -13.84 9.93
CA SER C 245 -19.53 -14.72 8.81
C SER C 245 -20.32 -16.04 8.82
N TRP C 246 -20.22 -16.86 9.86
CA TRP C 246 -20.87 -18.18 9.82
C TRP C 246 -21.21 -18.70 11.22
N GLY C 247 -22.22 -19.57 11.27
CA GLY C 247 -22.67 -20.21 12.52
C GLY C 247 -22.45 -21.71 12.47
N VAL C 248 -22.52 -22.34 13.64
CA VAL C 248 -22.37 -23.81 13.79
C VAL C 248 -23.74 -24.46 13.57
N VAL C 249 -24.79 -23.82 14.08
CA VAL C 249 -26.19 -24.33 14.10
C VAL C 249 -27.11 -23.26 13.52
N ASP C 250 -28.03 -23.64 12.63
CA ASP C 250 -29.08 -22.76 12.11
C ASP C 250 -30.26 -22.82 13.08
N VAL C 251 -30.29 -21.93 14.07
CA VAL C 251 -31.34 -21.92 15.12
C VAL C 251 -32.61 -21.22 14.62
N CYS C 252 -32.57 -20.51 13.48
CA CYS C 252 -33.67 -19.62 13.02
C CYS C 252 -34.52 -20.32 11.95
N ALA C 263 -25.33 -25.03 23.35
CA ALA C 263 -24.04 -24.82 24.08
C ALA C 263 -22.83 -24.94 23.15
N HIS C 264 -22.90 -25.73 22.09
CA HIS C 264 -21.88 -25.77 21.01
C HIS C 264 -22.30 -24.84 19.87
N ALA C 265 -23.39 -24.08 20.04
CA ALA C 265 -23.95 -23.20 18.99
C ALA C 265 -23.14 -21.90 18.96
N ARG C 266 -22.01 -21.91 18.26
CA ARG C 266 -21.12 -20.73 18.19
C ARG C 266 -21.39 -19.94 16.91
N ASP C 267 -20.93 -18.69 16.90
CA ASP C 267 -20.91 -17.84 15.69
C ASP C 267 -19.49 -17.34 15.49
N PHE C 268 -19.07 -17.28 14.25
CA PHE C 268 -17.73 -16.81 13.83
C PHE C 268 -17.87 -15.55 12.99
N HIS C 269 -16.97 -14.62 13.27
CA HIS C 269 -16.98 -13.25 12.72
C HIS C 269 -15.57 -12.92 12.22
N ILE C 270 -15.47 -12.28 11.06
CA ILE C 270 -14.14 -11.80 10.57
C ILE C 270 -13.72 -10.62 11.45
N ASN C 271 -12.57 -10.78 12.09
CA ASN C 271 -11.94 -9.78 12.96
C ASN C 271 -11.37 -8.66 12.07
N LEU C 272 -11.91 -7.45 12.17
CA LEU C 272 -11.48 -6.38 11.23
C LEU C 272 -10.04 -5.95 11.55
N PHE C 273 -9.53 -6.24 12.74
CA PHE C 273 -8.11 -5.97 13.07
C PHE C 273 -7.21 -6.89 12.22
N GLN C 274 -7.76 -7.95 11.61
CA GLN C 274 -6.98 -8.95 10.84
C GLN C 274 -7.11 -8.72 9.33
N VAL C 275 -7.82 -7.69 8.86
CA VAL C 275 -7.95 -7.36 7.41
C VAL C 275 -7.69 -5.87 7.21
N LEU C 276 -6.84 -5.26 8.04
CA LEU C 276 -6.59 -3.80 7.96
C LEU C 276 -5.89 -3.40 6.66
N PRO C 277 -4.87 -4.12 6.14
CA PRO C 277 -4.26 -3.75 4.87
C PRO C 277 -5.32 -3.58 3.77
N TRP C 278 -6.27 -4.50 3.68
CA TRP C 278 -7.33 -4.44 2.64
C TRP C 278 -8.28 -3.27 2.92
N LEU C 279 -8.74 -3.12 4.15
CA LEU C 279 -9.64 -1.99 4.50
C LEU C 279 -8.94 -0.66 4.17
N LYS C 280 -7.68 -0.50 4.58
CA LYS C 280 -6.91 0.76 4.37
C LYS C 280 -6.76 1.04 2.88
N GLU C 281 -6.50 0.02 2.07
CA GLU C 281 -6.33 0.20 0.60
C GLU C 281 -7.68 0.63 0.01
N LYS C 282 -8.76 -0.09 0.30
CA LYS C 282 -10.06 0.18 -0.38
C LYS C 282 -10.66 1.49 0.13
N LEU C 283 -10.44 1.86 1.39
CA LEU C 283 -11.06 3.05 2.01
C LEU C 283 -10.07 4.21 2.10
N GLN C 284 -8.94 4.15 1.38
CA GLN C 284 -7.85 5.16 1.49
C GLN C 284 -8.37 6.57 1.21
N ASP C 285 -9.42 6.74 0.39
CA ASP C 285 -9.92 8.09 -0.02
C ASP C 285 -11.15 8.49 0.77
N GLU C 286 -11.51 7.76 1.82
CA GLU C 286 -12.80 7.95 2.54
C GLU C 286 -12.63 8.85 3.78
N ASP C 287 -11.44 9.43 3.99
CA ASP C 287 -11.19 10.41 5.08
CA ASP C 287 -11.16 10.40 5.08
C ASP C 287 -11.51 9.78 6.44
N LEU C 288 -11.13 8.52 6.65
CA LEU C 288 -11.40 7.83 7.96
C LEU C 288 -10.22 7.96 8.92
N GLY C 289 -9.07 8.47 8.47
CA GLY C 289 -7.90 8.68 9.35
C GLY C 289 -7.39 7.37 9.93
N PHE C 290 -7.08 6.41 9.09
CA PHE C 290 -6.41 5.16 9.52
C PHE C 290 -5.10 5.51 10.23
N LEU C 291 -4.84 4.83 11.33
CA LEU C 291 -3.65 5.07 12.18
C LEU C 291 -2.42 4.42 11.53
S SO4 D . 18.46 5.06 29.88
O1 SO4 D . 17.38 5.82 29.30
O2 SO4 D . 18.45 3.72 29.34
O3 SO4 D . 18.30 4.99 31.30
O4 SO4 D . 19.71 5.72 29.60
S SO4 E . 31.24 22.68 6.32
O1 SO4 E . 29.84 22.83 6.67
O2 SO4 E . 31.34 22.32 4.92
O3 SO4 E . 31.94 23.94 6.55
O4 SO4 E . 31.86 21.63 7.12
S SO4 F . 15.42 -7.72 10.03
O1 SO4 F . 14.79 -8.92 9.61
O2 SO4 F . 15.41 -6.76 8.96
O3 SO4 F . 16.79 -8.00 10.40
O4 SO4 F . 14.73 -7.18 11.17
C2 JGT G . 21.65 7.64 26.43
C3 JGT G . 20.46 6.96 26.20
C13 JGT G . 18.99 9.45 23.82
C15 JGT G . 17.76 8.87 23.52
C17 JGT G . 17.43 7.64 24.11
C19 JGT G . 18.32 7.00 24.99
C23 JGT G . 20.13 4.60 26.16
C25 JGT G . 20.30 3.09 24.50
C28 JGT G . 19.68 2.39 25.75
BR1 JGT G . 22.92 7.03 27.60
C4 JGT G . 19.55 7.59 25.31
C5 JGT G . 19.88 8.83 24.71
C6 JGT G . 21.10 9.46 24.99
C7 JGT G . 21.99 8.84 25.85
C9 JGT G . 21.53 10.80 24.36
N21 JGT G . 20.23 5.75 26.83
N24 JGT G . 20.57 4.45 24.97
N31 JGT G . 19.55 3.53 26.64
S SO4 H . 20.76 -8.65 -27.57
O1 SO4 H . 19.54 -8.56 -28.32
O2 SO4 H . 21.86 -8.93 -28.46
O3 SO4 H . 21.03 -7.40 -26.93
O4 SO4 H . 20.69 -9.68 -26.57
S SO4 I . 3.31 19.72 -21.59
O1 SO4 I . 2.08 19.91 -22.32
O2 SO4 I . 4.00 20.99 -21.48
O3 SO4 I . 4.14 18.79 -22.32
O4 SO4 I . 3.04 19.18 -20.28
S SO4 J . 3.82 -28.52 -20.96
O1 SO4 J . 2.42 -28.28 -21.19
O2 SO4 J . 4.42 -29.02 -22.18
O3 SO4 J . 4.48 -27.30 -20.60
O4 SO4 J . 3.98 -29.48 -19.91
S SO4 K . 9.05 -16.54 -8.63
O1 SO4 K . 7.69 -16.08 -8.74
O2 SO4 K . 9.25 -17.68 -9.49
O3 SO4 K . 9.32 -16.92 -7.27
O4 SO4 K . 9.96 -15.50 -9.01
C2 JGT L . 15.86 -9.95 -29.75
C3 JGT L . 16.19 -9.44 -28.49
C13 JGT L . 13.25 -7.06 -28.27
C15 JGT L . 13.51 -6.48 -27.03
C17 JGT L . 14.62 -6.88 -26.27
C19 JGT L . 15.50 -7.85 -26.76
C23 JGT L . 17.19 -10.60 -26.68
C25 JGT L . 16.34 -11.93 -25.12
C28 JGT L . 17.87 -11.80 -24.89
BR1 JGT L . 16.86 -11.18 -30.64
C4 JGT L . 15.28 -8.46 -28.02
C5 JGT L . 14.15 -8.04 -28.80
C6 JGT L . 13.88 -8.62 -30.06
C7 JGT L . 14.79 -9.57 -30.53
C9 JGT L . 12.70 -8.23 -30.97
N21 JGT L . 17.30 -9.88 -27.78
N24 JGT L . 16.11 -11.28 -26.38
N31 JGT L . 18.15 -10.71 -25.81
S SO4 M . -24.58 -25.14 4.79
O1 SO4 M . -25.35 -26.34 4.61
O2 SO4 M . -24.79 -24.28 3.69
O3 SO4 M . -23.18 -25.49 4.90
O4 SO4 M . -25.01 -24.50 5.99
S SO4 N . -25.78 4.42 25.93
O1 SO4 N . -26.46 5.68 25.88
O2 SO4 N . -25.16 4.13 24.62
O3 SO4 N . -24.78 4.46 26.95
O4 SO4 N . -26.75 3.38 26.23
S SO4 O . -2.15 -18.04 8.51
O1 SO4 O . -3.21 -18.21 7.56
O2 SO4 O . -2.20 -16.70 9.05
O3 SO4 O . -0.89 -18.25 7.88
O4 SO4 O . -2.31 -18.99 9.59
C2 JGT P . -25.01 -22.53 9.56
C3 JGT P . -24.18 -22.24 8.47
C13 JGT P . -24.52 -18.51 8.59
C15 JGT P . -23.70 -18.10 7.53
C17 JGT P . -23.02 -19.07 6.76
C19 JGT P . -23.18 -20.43 7.07
C23 JGT P . -22.25 -23.47 7.82
C25 JGT P . -20.10 -23.37 8.43
C28 JGT P . -20.22 -24.43 7.30
BR1 JGT P . -25.39 -24.24 10.14
C4 JGT P . -24.01 -20.87 8.14
C5 JGT P . -24.68 -19.87 8.92
C6 JGT P . -25.52 -20.22 9.98
C7 JGT P . -25.67 -21.56 10.30
C9 JGT P . -26.27 -19.20 10.86
N21 JGT P . -23.56 -23.27 7.81
N24 JGT P . -21.48 -22.98 8.72
N31 JGT P . -21.61 -24.17 6.93
#